data_4P1D
# 
_entry.id   4P1D 
# 
_audit_conform.dict_name       mmcif_pdbx.dic 
_audit_conform.dict_version    5.379 
_audit_conform.dict_location   http://mmcif.pdb.org/dictionaries/ascii/mmcif_pdbx.dic 
# 
loop_
_database_2.database_id 
_database_2.database_code 
_database_2.pdbx_database_accession 
_database_2.pdbx_DOI 
PDB   4P1D         pdb_00004p1d 10.2210/pdb4p1d/pdb 
WWPDB D_1000200495 ?            ?                   
# 
_pdbx_database_status.status_code                     REL 
_pdbx_database_status.status_code_sf                  REL 
_pdbx_database_status.status_code_mr                  . 
_pdbx_database_status.entry_id                        4P1D 
_pdbx_database_status.recvd_initial_deposition_date   2014-02-26 
_pdbx_database_status.SG_entry                        N 
_pdbx_database_status.deposit_site                    RCSB 
_pdbx_database_status.process_site                    RCSB 
_pdbx_database_status.status_code_cs                  . 
_pdbx_database_status.methods_development_category    . 
_pdbx_database_status.pdb_format_compatible           Y 
_pdbx_database_status.status_code_nmr_data            ? 
# 
loop_
_audit_author.name 
_audit_author.pdbx_ordinal 
'Ferraroni, M.'   1 
'Bazzicalupi, C.' 2 
'Gratteri, P.'    3 
# 
_citation.abstract                  . 
_citation.abstract_id_CAS           . 
_citation.book_id_ISBN              . 
_citation.book_publisher            . 
_citation.book_publisher_city       . 
_citation.book_title                . 
_citation.coordinate_linkage        . 
_citation.country                   ? 
_citation.database_id_Medline       . 
_citation.details                   . 
_citation.id                        primary 
_citation.journal_abbrev            'to be published' 
_citation.journal_id_ASTM           ? 
_citation.journal_id_CSD            0353 
_citation.journal_id_ISSN           ? 
_citation.journal_full              . 
_citation.journal_issue             . 
_citation.journal_volume            . 
_citation.language                  . 
_citation.page_first                . 
_citation.page_last                 . 
_citation.title                     'Crystal Structure of the complex of a bimolecular human telomeric DNA with Coptisine' 
_citation.year                      . 
_citation.database_id_CSD           . 
_citation.pdbx_database_id_DOI      . 
_citation.pdbx_database_id_PubMed   . 
_citation.unpublished_flag          . 
# 
loop_
_citation_author.citation_id 
_citation_author.name 
_citation_author.ordinal 
_citation_author.identifier_ORCID 
primary 'Ferraroni, M.'   1 ? 
primary 'Bazzicalupi, C.' 2 ? 
primary 'Gratteri, P.'    3 ? 
primary 'Bilia, A.R.'     4 ? 
primary 'Sissi, C.'       5 ? 
# 
_cell.length_a           41.567 
_cell.length_b           41.567 
_cell.length_c           66.157 
_cell.angle_alpha        90.000 
_cell.angle_beta         90.000 
_cell.angle_gamma        90.000 
_cell.entry_id           4P1D 
_cell.Z_PDB              16 
_cell.pdbx_unique_axis   ? 
# 
_symmetry.entry_id                         4P1D 
_symmetry.cell_setting                     . 
_symmetry.Int_Tables_number                96 
_symmetry.space_group_name_Hall            . 
_symmetry.space_group_name_H-M             'P 43 21 2' 
_symmetry.pdbx_full_space_group_name_H-M   . 
# 
loop_
_entity.id 
_entity.type 
_entity.src_method 
_entity.pdbx_description 
_entity.formula_weight 
_entity.pdbx_number_of_molecules 
_entity.pdbx_ec 
_entity.pdbx_mutation 
_entity.pdbx_fragment 
_entity.details 
1 polymer     syn 'telomeric DNA'                                                                   3773.462 2  ? ? ? ? 
2 non-polymer syn 'POTASSIUM ION'                                                                   39.098   2  ? ? ? ? 
3 non-polymer syn '6,7-dihydro[1,3]dioxolo[4,5-g][1,3]dioxolo[7,8]isoquino[3,2-a]isoquinolin-5-ium' 320.319  1  ? ? ? ? 
4 water       nat water                                                                             18.015   28 ? ? ? ? 
# 
_entity_poly.entity_id                      1 
_entity_poly.type                           polydeoxyribonucleotide 
_entity_poly.nstd_linkage                   no 
_entity_poly.nstd_monomer                   no 
_entity_poly.pdbx_seq_one_letter_code       '(DT)(DA)(DG)(DG)(DG)(DT)(DT)(DA)(DG)(DG)(DG)(DT)' 
_entity_poly.pdbx_seq_one_letter_code_can   TAGGGTTAGGGT 
_entity_poly.pdbx_strand_id                 A,B 
_entity_poly.pdbx_target_identifier         ? 
# 
loop_
_entity_poly_seq.entity_id 
_entity_poly_seq.num 
_entity_poly_seq.mon_id 
_entity_poly_seq.hetero 
1 1  DT n 
1 2  DA n 
1 3  DG n 
1 4  DG n 
1 5  DG n 
1 6  DT n 
1 7  DT n 
1 8  DA n 
1 9  DG n 
1 10 DG n 
1 11 DG n 
1 12 DT n 
# 
_pdbx_entity_src_syn.entity_id              1 
_pdbx_entity_src_syn.pdbx_src_id            1 
_pdbx_entity_src_syn.pdbx_alt_source_flag   sample 
_pdbx_entity_src_syn.pdbx_beg_seq_num       1 
_pdbx_entity_src_syn.pdbx_end_seq_num       12 
_pdbx_entity_src_syn.organism_scientific    'Homo sapiens' 
_pdbx_entity_src_syn.organism_common_name   ? 
_pdbx_entity_src_syn.ncbi_taxonomy_id       9606 
_pdbx_entity_src_syn.details                ? 
# 
_struct_ref.id                         1 
_struct_ref.db_name                    PDB 
_struct_ref.db_code                    4P1D 
_struct_ref.pdbx_db_accession          4P1D 
_struct_ref.entity_id                  1 
_struct_ref.pdbx_seq_one_letter_code   ? 
_struct_ref.pdbx_align_begin           ? 
_struct_ref.pdbx_db_isoform            ? 
# 
loop_
_struct_ref_seq.align_id 
_struct_ref_seq.ref_id 
_struct_ref_seq.pdbx_PDB_id_code 
_struct_ref_seq.pdbx_strand_id 
_struct_ref_seq.seq_align_beg 
_struct_ref_seq.pdbx_seq_align_beg_ins_code 
_struct_ref_seq.seq_align_end 
_struct_ref_seq.pdbx_seq_align_end_ins_code 
_struct_ref_seq.pdbx_db_accession 
_struct_ref_seq.db_align_beg 
_struct_ref_seq.pdbx_db_align_beg_ins_code 
_struct_ref_seq.db_align_end 
_struct_ref_seq.pdbx_db_align_end_ins_code 
_struct_ref_seq.pdbx_auth_seq_align_beg 
_struct_ref_seq.pdbx_auth_seq_align_end 
1 1 4P1D A 1 ? 12 ? 4P1D 1  ? 12 ? 1  12 
2 1 4P1D B 1 ? 12 ? 4P1D 13 ? 24 ? 13 24 
# 
loop_
_chem_comp.id 
_chem_comp.type 
_chem_comp.mon_nstd_flag 
_chem_comp.name 
_chem_comp.pdbx_synonyms 
_chem_comp.formula 
_chem_comp.formula_weight 
DA  'DNA linking' y "2'-DEOXYADENOSINE-5'-MONOPHOSPHATE"                                              ?         'C10 H14 N5 O6 P' 
331.222 
DG  'DNA linking' y "2'-DEOXYGUANOSINE-5'-MONOPHOSPHATE"                                              ?         'C10 H14 N5 O7 P' 
347.221 
DT  'DNA linking' y "THYMIDINE-5'-MONOPHOSPHATE"                                                      ?         'C10 H15 N2 O8 P' 
322.208 
HOH non-polymer   . WATER                                                                             ?         'H2 O'            
18.015  
K   non-polymer   . 'POTASSIUM ION'                                                                   ?         'K 1'             
39.098  
KPT non-polymer   . '6,7-dihydro[1,3]dioxolo[4,5-g][1,3]dioxolo[7,8]isoquino[3,2-a]isoquinolin-5-ium' Coptisine 'C19 H14 N O4 1'  
320.319 
# 
_exptl.absorpt_coefficient_mu     . 
_exptl.absorpt_correction_T_max   . 
_exptl.absorpt_correction_T_min   . 
_exptl.absorpt_correction_type    . 
_exptl.absorpt_process_details    . 
_exptl.entry_id                   4P1D 
_exptl.crystals_number            1 
_exptl.details                    . 
_exptl.method                     'X-RAY DIFFRACTION' 
_exptl.method_details             . 
# 
_exptl_crystal.colour                      . 
_exptl_crystal.density_diffrn              . 
_exptl_crystal.density_Matthews            1.89 
_exptl_crystal.density_method              . 
_exptl_crystal.density_percent_sol         35.03 
_exptl_crystal.description                 . 
_exptl_crystal.F_000                       . 
_exptl_crystal.id                          1 
_exptl_crystal.preparation                 . 
_exptl_crystal.size_max                    . 
_exptl_crystal.size_mid                    . 
_exptl_crystal.size_min                    . 
_exptl_crystal.size_rad                    . 
_exptl_crystal.colour_lustre               . 
_exptl_crystal.colour_modifier             . 
_exptl_crystal.colour_primary              . 
_exptl_crystal.density_meas                . 
_exptl_crystal.density_meas_esd            . 
_exptl_crystal.density_meas_gt             . 
_exptl_crystal.density_meas_lt             . 
_exptl_crystal.density_meas_temp           . 
_exptl_crystal.density_meas_temp_esd       . 
_exptl_crystal.density_meas_temp_gt        . 
_exptl_crystal.density_meas_temp_lt        . 
_exptl_crystal.pdbx_crystal_image_url      . 
_exptl_crystal.pdbx_crystal_image_format   . 
_exptl_crystal.pdbx_mosaicity              . 
_exptl_crystal.pdbx_mosaicity_esd          . 
# 
_exptl_crystal_grow.apparatus       . 
_exptl_crystal_grow.atmosphere      . 
_exptl_crystal_grow.crystal_id      1 
_exptl_crystal_grow.details         . 
_exptl_crystal_grow.method          'VAPOR DIFFUSION, SITTING DROP' 
_exptl_crystal_grow.method_ref      . 
_exptl_crystal_grow.pH              6.5 
_exptl_crystal_grow.pressure        . 
_exptl_crystal_grow.pressure_esd    . 
_exptl_crystal_grow.seeding         . 
_exptl_crystal_grow.seeding_ref     . 
_exptl_crystal_grow.temp            296 
_exptl_crystal_grow.temp_details    . 
_exptl_crystal_grow.temp_esd        . 
_exptl_crystal_grow.time            . 
_exptl_crystal_grow.pdbx_details    'Sodium Fluoride, Potassium Fluoride, Cacodylate, MPD' 
_exptl_crystal_grow.pdbx_pH_range   . 
# 
_diffrn.ambient_environment    . 
_diffrn.ambient_temp           100 
_diffrn.ambient_temp_details   . 
_diffrn.ambient_temp_esd       . 
_diffrn.crystal_id             1 
_diffrn.crystal_support        . 
_diffrn.crystal_treatment      . 
_diffrn.details                . 
_diffrn.id                     1 
_diffrn.ambient_pressure       . 
_diffrn.ambient_pressure_esd   . 
_diffrn.ambient_pressure_gt    . 
_diffrn.ambient_pressure_lt    . 
_diffrn.ambient_temp_gt        . 
_diffrn.ambient_temp_lt        . 
# 
_diffrn_detector.details                      . 
_diffrn_detector.detector                     PIXEL 
_diffrn_detector.diffrn_id                    1 
_diffrn_detector.type                         'DECTRIS PILATUS 6M' 
_diffrn_detector.area_resol_mean              . 
_diffrn_detector.dtime                        . 
_diffrn_detector.pdbx_frames_total            . 
_diffrn_detector.pdbx_collection_time_total   . 
_diffrn_detector.pdbx_collection_date         2012-07-14 
# 
_diffrn_radiation.collimation                      . 
_diffrn_radiation.diffrn_id                        1 
_diffrn_radiation.filter_edge                      . 
_diffrn_radiation.inhomogeneity                    . 
_diffrn_radiation.monochromator                    'Double crystal Si(111), horizontally focusing' 
_diffrn_radiation.polarisn_norm                    . 
_diffrn_radiation.polarisn_ratio                   . 
_diffrn_radiation.probe                            . 
_diffrn_radiation.type                             . 
_diffrn_radiation.xray_symbol                      . 
_diffrn_radiation.wavelength_id                    1 
_diffrn_radiation.pdbx_monochromatic_or_laue_m_l   M 
_diffrn_radiation.pdbx_wavelength_list             . 
_diffrn_radiation.pdbx_wavelength                  . 
_diffrn_radiation.pdbx_diffrn_protocol             'SINGLE WAVELENGTH' 
_diffrn_radiation.pdbx_analyzer                    . 
_diffrn_radiation.pdbx_scattering_type             x-ray 
# 
_diffrn_radiation_wavelength.id           1 
_diffrn_radiation_wavelength.wavelength   1.0020 
_diffrn_radiation_wavelength.wt           1.0 
# 
_diffrn_source.current                     . 
_diffrn_source.details                     . 
_diffrn_source.diffrn_id                   1 
_diffrn_source.power                       . 
_diffrn_source.size                        . 
_diffrn_source.source                      SYNCHROTRON 
_diffrn_source.target                      . 
_diffrn_source.type                        'ESRF BEAMLINE ID29' 
_diffrn_source.voltage                     . 
_diffrn_source.take-off_angle              . 
_diffrn_source.pdbx_wavelength_list        1.0020 
_diffrn_source.pdbx_wavelength             . 
_diffrn_source.pdbx_synchrotron_beamline   ID29 
_diffrn_source.pdbx_synchrotron_site       ESRF 
# 
_reflns.B_iso_Wilson_estimate            28.609 
_reflns.entry_id                         4P1D 
_reflns.data_reduction_details           . 
_reflns.data_reduction_method            . 
_reflns.d_resolution_high                1.550 
_reflns.d_resolution_low                 35.2 
_reflns.details                          . 
_reflns.limit_h_max                      . 
_reflns.limit_h_min                      . 
_reflns.limit_k_max                      . 
_reflns.limit_k_min                      . 
_reflns.limit_l_max                      . 
_reflns.limit_l_min                      . 
_reflns.number_all                       . 
_reflns.number_obs                       8899 
_reflns.observed_criterion               . 
_reflns.observed_criterion_F_max         . 
_reflns.observed_criterion_F_min         . 
_reflns.observed_criterion_I_max         . 
_reflns.observed_criterion_I_min         . 
_reflns.observed_criterion_sigma_F       . 
_reflns.observed_criterion_sigma_I       -3.000 
_reflns.percent_possible_obs             99.600 
_reflns.R_free_details                   . 
_reflns.Rmerge_F_all                     . 
_reflns.Rmerge_F_obs                     0.997 
_reflns.Friedel_coverage                 . 
_reflns.number_gt                        . 
_reflns.threshold_expression             . 
_reflns.pdbx_redundancy                  18.7 
_reflns.pdbx_Rmerge_I_obs                0.113 
_reflns.pdbx_Rmerge_I_all                . 
_reflns.pdbx_Rsym_value                  . 
_reflns.pdbx_netI_over_av_sigmaI         . 
_reflns.pdbx_netI_over_sigmaI            15.220 
_reflns.pdbx_res_netI_over_av_sigmaI_2   . 
_reflns.pdbx_res_netI_over_sigmaI_2      . 
_reflns.pdbx_chi_squared                 0.971 
_reflns.pdbx_scaling_rejects             . 
_reflns.pdbx_d_res_high_opt              . 
_reflns.pdbx_d_res_low_opt               . 
_reflns.pdbx_d_res_opt_method            . 
_reflns.phase_calculation_details        . 
_reflns.pdbx_Rrim_I_all                  0.117 
_reflns.pdbx_Rpim_I_all                  . 
_reflns.pdbx_d_opt                       . 
_reflns.pdbx_number_measured_all         166071 
_reflns.pdbx_diffrn_id                   1 
_reflns.pdbx_ordinal                     1 
# 
loop_
_reflns_shell.d_res_high 
_reflns_shell.d_res_low 
_reflns_shell.meanI_over_sigI_all 
_reflns_shell.meanI_over_sigI_obs 
_reflns_shell.number_measured_all 
_reflns_shell.number_measured_obs 
_reflns_shell.number_possible 
_reflns_shell.number_unique_all 
_reflns_shell.number_unique_obs 
_reflns_shell.percent_possible_all 
_reflns_shell.percent_possible_obs 
_reflns_shell.Rmerge_F_all 
_reflns_shell.Rmerge_F_obs 
_reflns_shell.Rmerge_I_all 
_reflns_shell.Rmerge_I_obs 
_reflns_shell.meanI_over_sigI_gt 
_reflns_shell.meanI_over_uI_all 
_reflns_shell.meanI_over_uI_gt 
_reflns_shell.number_measured_gt 
_reflns_shell.number_unique_gt 
_reflns_shell.percent_possible_gt 
_reflns_shell.Rmerge_F_gt 
_reflns_shell.Rmerge_I_gt 
_reflns_shell.pdbx_redundancy 
_reflns_shell.pdbx_Rsym_value 
_reflns_shell.pdbx_chi_squared 
_reflns_shell.pdbx_netI_over_sigmaI_all 
_reflns_shell.pdbx_netI_over_sigmaI_obs 
_reflns_shell.pdbx_Rrim_I_all 
_reflns_shell.pdbx_Rpim_I_all 
_reflns_shell.pdbx_rejects 
_reflns_shell.pdbx_ordinal 
_reflns_shell.pdbx_diffrn_id 
1.550 1.640 . 2.080  . 18967 1397 . 1368 97.900  . . 0.996 . 0.740 . . . . . . . . 13.9 . . . . 0.767 . 0 1 1 
1.640 1.760 . 4.950  . 27666 1316 . 1316 100.000 . . 1.000 . 0.322 . . . . . . . . .    . . . . 0.330 . 0 2 1 
1.760 1.900 . 6.320  . 24931 1254 . 1254 100.000 . . 0.996 . 0.565 . . . . . . . . .    . . . . 0.580 . 0 3 1 
1.900 2.080 . 10.520 . 23763 1137 . 1137 100.000 . . 0.994 . 0.395 . . . . . . . . .    . . . . 0.405 . 0 4 1 
2.080 2.320 . 16.610 . 20578 1044 . 1044 100.000 . . 0.997 . 0.253 . . . . . . . . .    . . . . 0.260 . 0 5 1 
2.320 2.680 . 24.290 . 18664 934  . 934  100.000 . . 0.998 . 0.123 . . . . . . . . .    . . . . 0.127 . 0 6 1 
2.680 3.280 . 31.920 . 14568 805  . 804  99.900  . . 0.995 . 0.087 . . . . . . . . .    . . . . 0.090 . 0 7 1 
3.280 4.610 . 38.530 . 10922 648  . 647  99.800  . . 0.998 . 0.080 . . . . . . . . .    . . . . 0.083 . 0 8 1 
4.610 .     . 39.450 . 6012  396  . 395  99.700  . . 0.998 . 0.073 . . . . . . . . .    . . . . 0.076 . 0 9 1 
# 
_refine.aniso_B[1][1]                            . 
_refine.aniso_B[1][2]                            . 
_refine.aniso_B[1][3]                            . 
_refine.aniso_B[2][2]                            . 
_refine.aniso_B[2][3]                            . 
_refine.aniso_B[3][3]                            . 
_refine.B_iso_max                                49.240 
_refine.B_iso_mean                               28.9632 
_refine.B_iso_min                                16.140 
_refine.correlation_coeff_Fo_to_Fc               0.9620 
_refine.correlation_coeff_Fo_to_Fc_free          0.9600 
_refine.details                                  
'HYDROGENS HAVE BEEN USED IF PRESENT IN THE INPUT U VALUES      : REFINED INDIVIDUALLY' 
_refine.diff_density_max                         . 
_refine.diff_density_max_esd                     . 
_refine.diff_density_min                         . 
_refine.diff_density_min_esd                     . 
_refine.diff_density_rms                         . 
_refine.diff_density_rms_esd                     . 
_refine.entry_id                                 4P1D 
_refine.pdbx_refine_id                           'X-RAY DIFFRACTION' 
_refine.ls_abs_structure_details                 . 
_refine.ls_abs_structure_Flack                   . 
_refine.ls_abs_structure_Flack_esd               . 
_refine.ls_abs_structure_Rogers                  . 
_refine.ls_abs_structure_Rogers_esd              . 
_refine.ls_d_res_high                            1.5500 
_refine.ls_d_res_low                             35.2000 
_refine.ls_extinction_coef                       . 
_refine.ls_extinction_coef_esd                   . 
_refine.ls_extinction_expression                 . 
_refine.ls_extinction_method                     . 
_refine.ls_goodness_of_fit_all                   . 
_refine.ls_goodness_of_fit_all_esd               . 
_refine.ls_goodness_of_fit_obs                   . 
_refine.ls_goodness_of_fit_obs_esd               . 
_refine.ls_hydrogen_treatment                    . 
_refine.ls_matrix_type                           . 
_refine.ls_number_constraints                    . 
_refine.ls_number_parameters                     . 
_refine.ls_number_reflns_all                     . 
_refine.ls_number_reflns_obs                     8880 
_refine.ls_number_reflns_R_free                  444 
_refine.ls_number_reflns_R_work                  8436 
_refine.ls_number_restraints                     . 
_refine.ls_percent_reflns_obs                    99.5600 
_refine.ls_percent_reflns_R_free                 5.0000 
_refine.ls_R_factor_all                          . 
_refine.ls_R_factor_obs                          0.2331 
_refine.ls_R_factor_R_free                       0.2585 
_refine.ls_R_factor_R_free_error                 . 
_refine.ls_R_factor_R_free_error_details         . 
_refine.ls_R_factor_R_work                       0.2316 
_refine.ls_R_Fsqd_factor_obs                     . 
_refine.ls_R_I_factor_obs                        . 
_refine.ls_redundancy_reflns_all                 . 
_refine.ls_redundancy_reflns_obs                 . 
_refine.ls_restrained_S_all                      . 
_refine.ls_restrained_S_obs                      . 
_refine.ls_shift_over_esd_max                    . 
_refine.ls_shift_over_esd_mean                   . 
_refine.ls_structure_factor_coef                 . 
_refine.ls_weighting_details                     . 
_refine.ls_weighting_scheme                      . 
_refine.ls_wR_factor_all                         . 
_refine.ls_wR_factor_obs                         . 
_refine.ls_wR_factor_R_free                      0.2813 
_refine.ls_wR_factor_R_work                      0.2407 
_refine.occupancy_max                            . 
_refine.occupancy_min                            . 
_refine.overall_SU_B                             . 
_refine.overall_SU_ML                            0.0890 
_refine.overall_SU_R_Cruickshank_DPI             0.1094 
_refine.overall_SU_R_free                        0.1048 
_refine.overall_FOM_free_R_set                   . 
_refine.overall_FOM_work_R_set                   0.7267 
_refine.solvent_model_details                    MASK 
_refine.solvent_model_param_bsol                 . 
_refine.solvent_model_param_ksol                 . 
_refine.ls_R_factor_gt                           . 
_refine.ls_goodness_of_fit_gt                    . 
_refine.ls_goodness_of_fit_ref                   . 
_refine.ls_shift_over_su_max                     . 
_refine.ls_shift_over_su_max_lt                  . 
_refine.ls_shift_over_su_mean                    . 
_refine.ls_shift_over_su_mean_lt                 . 
_refine.pdbx_ls_sigma_I                          . 
_refine.pdbx_ls_sigma_F                          . 
_refine.pdbx_ls_sigma_Fsqd                       . 
_refine.pdbx_data_cutoff_high_absF               . 
_refine.pdbx_data_cutoff_high_rms_absF           . 
_refine.pdbx_data_cutoff_low_absF                . 
_refine.pdbx_isotropic_thermal_model             . 
_refine.pdbx_ls_cross_valid_method               'FREE R-VALUE' 
_refine.pdbx_method_to_determine_struct          'MOLECULAR REPLACEMENT' 
_refine.pdbx_starting_model                      1K8P 
_refine.pdbx_stereochemistry_target_values       'MAXIMUM LIKELIHOOD' 
_refine.pdbx_R_Free_selection_details            RANDOM 
_refine.pdbx_stereochem_target_val_spec_case     . 
_refine.pdbx_overall_ESU_R                       0.1090 
_refine.pdbx_overall_ESU_R_Free                  0.1050 
_refine.pdbx_solvent_vdw_probe_radii             1.2000 
_refine.pdbx_solvent_ion_probe_radii             0.8000 
_refine.pdbx_solvent_shrinkage_radii             0.8000 
_refine.pdbx_real_space_R                        . 
_refine.pdbx_density_correlation                 . 
_refine.pdbx_pd_number_of_powder_patterns        . 
_refine.pdbx_pd_number_of_points                 . 
_refine.pdbx_pd_meas_number_of_points            . 
_refine.pdbx_pd_proc_ls_prof_R_factor            . 
_refine.pdbx_pd_proc_ls_prof_wR_factor           . 
_refine.pdbx_pd_Marquardt_correlation_coeff      . 
_refine.pdbx_pd_Fsqrd_R_factor                   . 
_refine.pdbx_pd_ls_matrix_band_width             . 
_refine.pdbx_overall_phase_error                 . 
_refine.pdbx_overall_SU_R_free_Cruickshank_DPI   . 
_refine.pdbx_overall_SU_R_free_Blow_DPI          . 
_refine.pdbx_overall_SU_R_Blow_DPI               . 
_refine.pdbx_TLS_residual_ADP_flag               . 
_refine.pdbx_diffrn_id                           1 
# 
_refine_hist.cycle_id                         final 
_refine_hist.pdbx_refine_id                   'X-RAY DIFFRACTION' 
_refine_hist.d_res_high                       1.5500 
_refine_hist.d_res_low                        35.2000 
_refine_hist.pdbx_number_atoms_ligand         26 
_refine_hist.number_atoms_solvent             28 
_refine_hist.number_atoms_total               556 
_refine_hist.pdbx_number_residues_total       24 
_refine_hist.pdbx_B_iso_mean_ligand           20.26 
_refine_hist.pdbx_B_iso_mean_solvent          36.67 
_refine_hist.pdbx_number_atoms_protein        0 
_refine_hist.pdbx_number_atoms_nucleic_acid   502 
# 
loop_
_refine_ls_restr.pdbx_refine_id 
_refine_ls_restr.criterion 
_refine_ls_restr.dev_ideal 
_refine_ls_restr.dev_ideal_target 
_refine_ls_restr.number 
_refine_ls_restr.rejects 
_refine_ls_restr.type 
_refine_ls_restr.weight 
_refine_ls_restr.pdbx_restraint_function 
'X-RAY DIFFRACTION' . 0.009 0.014 593 . r_bond_refined_d                        . . 
'X-RAY DIFFRACTION' . 2.472 1.695 916 . r_angle_refined_deg                     . . 
'X-RAY DIFFRACTION' . 0.129 0.200 72  . 
;CHIRAL-CENTER RESTRAINTS       (A''3)
;
. . 
'X-RAY DIFFRACTION' . 0.018 0.020 292 . r_gen_planes_refined                    . . 
'X-RAY DIFFRACTION' . 2.582 2.833 591 . 
;SIDE-CHAIN BOND REFINED ATOMS  (A''2)
;
. . 
# 
_refine_ls_shell.pdbx_refine_id                   'X-RAY DIFFRACTION' 
_refine_ls_shell.d_res_high                       1.5500 
_refine_ls_shell.d_res_low                        1.5900 
_refine_ls_shell.number_reflns_all                609 
_refine_ls_shell.number_reflns_obs                . 
_refine_ls_shell.number_reflns_R_free             30 
_refine_ls_shell.number_reflns_R_work             579 
_refine_ls_shell.percent_reflns_obs               96.3600 
_refine_ls_shell.percent_reflns_R_free            . 
_refine_ls_shell.R_factor_all                     . 
_refine_ls_shell.R_factor_obs                     . 
_refine_ls_shell.R_factor_R_free                  0.5970 
_refine_ls_shell.R_factor_R_free_error            . 
_refine_ls_shell.R_factor_R_work                  0.4940 
_refine_ls_shell.redundancy_reflns_all            . 
_refine_ls_shell.redundancy_reflns_obs            . 
_refine_ls_shell.wR_factor_all                    . 
_refine_ls_shell.wR_factor_obs                    . 
_refine_ls_shell.wR_factor_R_free                 . 
_refine_ls_shell.wR_factor_R_work                 . 
_refine_ls_shell.pdbx_total_number_of_bins_used   20 
_refine_ls_shell.pdbx_phase_error                 . 
# 
_struct.entry_id                     4P1D 
_struct.title                        'Structure of the complex of a bimolecular human telomeric DNA with Coptisine' 
_struct.pdbx_model_details           . 
_struct.pdbx_formula_weight          . 
_struct.pdbx_formula_weight_method   . 
_struct.pdbx_model_type_details      . 
_struct.pdbx_CASP_flag               . 
# 
_struct_keywords.entry_id        4P1D 
_struct_keywords.text            'DRUG-DNA COMPLEX, G-QUADRUPLEX, DNA' 
_struct_keywords.pdbx_keywords   DNA 
# 
loop_
_struct_asym.id 
_struct_asym.pdbx_blank_PDB_chainid_flag 
_struct_asym.pdbx_modified 
_struct_asym.entity_id 
_struct_asym.details 
A N N 1 ? 
B N N 1 ? 
C N N 2 ? 
D N N 2 ? 
E N N 3 ? 
F N N 4 ? 
G N N 4 ? 
# 
_struct_biol.details                      'biological unit is the same as asymmetric unit' 
_struct_biol.id                           1 
_struct_biol.pdbx_parent_biol_id          . 
_struct_biol.pdbx_formula_weight          . 
_struct_biol.pdbx_formula_weight_method   . 
_struct_biol.pdbx_aggregation_state       . 
_struct_biol.pdbx_assembly_method         . 
# 
loop_
_struct_conn.id 
_struct_conn.conn_type_id 
_struct_conn.pdbx_leaving_atom_flag 
_struct_conn.pdbx_PDB_id 
_struct_conn.ptnr1_label_asym_id 
_struct_conn.ptnr1_label_comp_id 
_struct_conn.ptnr1_label_seq_id 
_struct_conn.ptnr1_label_atom_id 
_struct_conn.pdbx_ptnr1_label_alt_id 
_struct_conn.pdbx_ptnr1_PDB_ins_code 
_struct_conn.pdbx_ptnr1_standard_comp_id 
_struct_conn.ptnr1_symmetry 
_struct_conn.ptnr2_label_asym_id 
_struct_conn.ptnr2_label_comp_id 
_struct_conn.ptnr2_label_seq_id 
_struct_conn.ptnr2_label_atom_id 
_struct_conn.pdbx_ptnr2_label_alt_id 
_struct_conn.pdbx_ptnr2_PDB_ins_code 
_struct_conn.ptnr1_auth_asym_id 
_struct_conn.ptnr1_auth_comp_id 
_struct_conn.ptnr1_auth_seq_id 
_struct_conn.ptnr2_auth_asym_id 
_struct_conn.ptnr2_auth_comp_id 
_struct_conn.ptnr2_auth_seq_id 
_struct_conn.ptnr2_symmetry 
_struct_conn.pdbx_ptnr3_label_atom_id 
_struct_conn.pdbx_ptnr3_label_seq_id 
_struct_conn.pdbx_ptnr3_label_comp_id 
_struct_conn.pdbx_ptnr3_label_asym_id 
_struct_conn.pdbx_ptnr3_label_alt_id 
_struct_conn.pdbx_ptnr3_PDB_ins_code 
_struct_conn.details 
_struct_conn.pdbx_dist_value 
_struct_conn.pdbx_value_order 
_struct_conn.pdbx_role 
metalc1  metalc ? ? A DG 3  O6 ? ? ? 1_555 D K  .  K  ? ? A DG 3   A K  102 1_555 ? ? ? ? ? ? ?                       2.615 ? ? 
metalc2  metalc ? ? A DG 4  O6 ? ? ? 1_555 C K  .  K  ? ? A DG 4   A K  101 1_555 ? ? ? ? ? ? ?                       2.916 ? ? 
metalc3  metalc ? ? A DG 4  O6 ? ? ? 1_555 D K  .  K  ? ? A DG 4   A K  102 1_555 ? ? ? ? ? ? ?                       2.874 ? ? 
metalc4  metalc ? ? A DG 5  O6 ? ? ? 1_555 C K  .  K  ? ? A DG 5   A K  101 1_555 ? ? ? ? ? ? ?                       2.638 ? ? 
metalc5  metalc ? ? A DG 9  O6 ? ? ? 1_555 D K  .  K  ? ? A DG 9   A K  102 1_555 ? ? ? ? ? ? ?                       2.715 ? ? 
metalc6  metalc ? ? A DG 10 O6 ? ? ? 1_555 C K  .  K  ? ? A DG 10  A K  101 1_555 ? ? ? ? ? ? ?                       2.888 ? ? 
metalc7  metalc ? ? A DG 10 O6 ? ? ? 1_555 D K  .  K  ? ? A DG 10  A K  102 1_555 ? ? ? ? ? ? ?                       2.866 ? ? 
metalc8  metalc ? ? A DG 11 O6 ? ? ? 1_555 C K  .  K  ? ? A DG 11  A K  101 1_555 ? ? ? ? ? ? ?                       2.810 ? ? 
metalc9  metalc ? ? C K  .  K  ? ? ? 1_555 B DG 4  O6 ? ? A K  101 B DG 16  1_555 ? ? ? ? ? ? ?                       2.836 ? ? 
metalc10 metalc ? ? C K  .  K  ? ? ? 1_555 B DG 5  O6 ? ? A K  101 B DG 17  1_555 ? ? ? ? ? ? ?                       2.642 ? ? 
metalc11 metalc ? ? C K  .  K  ? ? ? 1_555 B DG 10 O6 ? ? A K  101 B DG 22  1_555 ? ? ? ? ? ? ?                       2.946 ? ? 
metalc12 metalc ? ? C K  .  K  ? ? ? 1_555 B DG 11 O6 ? ? A K  101 B DG 23  1_555 ? ? ? ? ? ? ?                       2.698 ? ? 
metalc13 metalc ? ? D K  .  K  ? ? ? 1_555 B DG 3  O6 ? ? A K  102 B DG 15  1_555 ? ? ? ? ? ? ?                       2.662 ? ? 
metalc14 metalc ? ? D K  .  K  ? ? ? 1_555 B DG 4  O6 ? ? A K  102 B DG 16  1_555 ? ? ? ? ? ? ?                       2.888 ? ? 
metalc15 metalc ? ? D K  .  K  ? ? ? 1_555 B DG 9  O6 ? ? A K  102 B DG 21  1_555 ? ? ? ? ? ? ?                       2.715 ? ? 
metalc16 metalc ? ? D K  .  K  ? ? ? 1_555 B DG 10 O6 ? ? A K  102 B DG 22  1_555 ? ? ? ? ? ? ?                       2.877 ? ? 
hydrog1  hydrog ? ? A DT 1  N3 ? ? ? 1_555 B DA 2  N1 ? ? A DT 1   B DA 14  1_555 ? ? ? ? ? ? 'REVERSED WATSON-CRICK' ?     ? ? 
hydrog2  hydrog ? ? A DT 1  O2 ? ? ? 1_555 B DA 2  N6 ? ? A DT 1   B DA 14  1_555 ? ? ? ? ? ? 'REVERSED WATSON-CRICK' ?     ? ? 
hydrog3  hydrog ? ? A DA 2  N1 ? ? ? 1_555 B DT 1  N3 ? ? A DA 2   B DT 13  1_555 ? ? ? ? ? ? 'REVERSED WATSON-CRICK' ?     ? ? 
hydrog4  hydrog ? ? A DA 2  N6 ? ? ? 1_555 B DT 1  O2 ? ? A DA 2   B DT 13  1_555 ? ? ? ? ? ? 'REVERSED WATSON-CRICK' ?     ? ? 
hydrog5  hydrog ? ? A DG 3  N1 ? ? ? 1_555 A DG 9  O6 ? ? A DG 3   A DG 9   1_555 ? ? ? ? ? ? TYPE_6_PAIR             ?     ? ? 
hydrog6  hydrog ? ? A DG 3  N2 ? ? ? 1_555 A DG 9  N7 ? ? A DG 3   A DG 9   1_555 ? ? ? ? ? ? TYPE_6_PAIR             ?     ? ? 
hydrog7  hydrog ? ? A DG 3  N7 ? ? ? 1_555 B DG 9  N2 ? ? A DG 3   B DG 21  1_555 ? ? ? ? ? ? TYPE_6_PAIR             ?     ? ? 
hydrog8  hydrog ? ? A DG 3  O6 ? ? ? 1_555 B DG 9  N1 ? ? A DG 3   B DG 21  1_555 ? ? ? ? ? ? TYPE_6_PAIR             ?     ? ? 
hydrog9  hydrog ? ? A DG 4  N1 ? ? ? 1_555 A DG 10 O6 ? ? A DG 4   A DG 10  1_555 ? ? ? ? ? ? TYPE_6_PAIR             ?     ? ? 
hydrog10 hydrog ? ? A DG 4  N2 ? ? ? 1_555 A DG 10 N7 ? ? A DG 4   A DG 10  1_555 ? ? ? ? ? ? TYPE_6_PAIR             ?     ? ? 
hydrog11 hydrog ? ? A DG 4  N7 ? ? ? 1_555 B DG 10 N2 ? ? A DG 4   B DG 22  1_555 ? ? ? ? ? ? TYPE_6_PAIR             ?     ? ? 
hydrog12 hydrog ? ? A DG 4  O6 ? ? ? 1_555 B DG 10 N1 ? ? A DG 4   B DG 22  1_555 ? ? ? ? ? ? TYPE_6_PAIR             ?     ? ? 
hydrog13 hydrog ? ? A DG 5  N1 ? ? ? 1_555 A DG 11 O6 ? ? A DG 5   A DG 11  1_555 ? ? ? ? ? ? TYPE_6_PAIR             ?     ? ? 
hydrog14 hydrog ? ? A DG 5  N2 ? ? ? 1_555 A DG 11 N7 ? ? A DG 5   A DG 11  1_555 ? ? ? ? ? ? TYPE_6_PAIR             ?     ? ? 
hydrog15 hydrog ? ? A DG 5  N7 ? ? ? 1_555 B DG 11 N2 ? ? A DG 5   B DG 23  1_555 ? ? ? ? ? ? TYPE_6_PAIR             ?     ? ? 
hydrog16 hydrog ? ? A DG 5  O6 ? ? ? 1_555 B DG 11 N1 ? ? A DG 5   B DG 23  1_555 ? ? ? ? ? ? TYPE_6_PAIR             ?     ? ? 
hydrog17 hydrog ? ? A DG 9  N1 ? ? ? 1_555 B DG 3  O6 ? ? A DG 9   B DG 15  1_555 ? ? ? ? ? ? TYPE_6_PAIR             ?     ? ? 
hydrog18 hydrog ? ? A DG 9  N2 ? ? ? 1_555 B DG 3  N7 ? ? A DG 9   B DG 15  1_555 ? ? ? ? ? ? TYPE_6_PAIR             ?     ? ? 
hydrog19 hydrog ? ? A DG 10 N1 ? ? ? 1_555 B DG 4  O6 ? ? A DG 10  B DG 16  1_555 ? ? ? ? ? ? TYPE_6_PAIR             ?     ? ? 
hydrog20 hydrog ? ? A DG 10 N2 ? ? ? 1_555 B DG 4  N7 ? ? A DG 10  B DG 16  1_555 ? ? ? ? ? ? TYPE_6_PAIR             ?     ? ? 
hydrog21 hydrog ? ? A DG 11 N1 ? ? ? 1_555 B DG 5  O6 ? ? A DG 11  B DG 17  1_555 ? ? ? ? ? ? TYPE_6_PAIR             ?     ? ? 
hydrog22 hydrog ? ? A DG 11 N2 ? ? ? 1_555 B DG 5  N7 ? ? A DG 11  B DG 17  1_555 ? ? ? ? ? ? TYPE_6_PAIR             ?     ? ? 
hydrog23 hydrog ? ? B DG 3  N1 ? ? ? 1_555 B DG 9  O6 ? ? B DG 15  B DG 21  1_555 ? ? ? ? ? ? TYPE_6_PAIR             ?     ? ? 
hydrog24 hydrog ? ? B DG 3  N2 ? ? ? 1_555 B DG 9  N7 ? ? B DG 15  B DG 21  1_555 ? ? ? ? ? ? TYPE_6_PAIR             ?     ? ? 
hydrog25 hydrog ? ? B DG 4  N2 ? ? ? 1_555 B DT 6  O4 ? ? B DG 16  B DT 18  1_555 ? ? ? ? ? ? 'DG-DT MISPAIR'         ?     ? ? 
hydrog26 hydrog ? ? B DG 4  N1 ? ? ? 1_555 B DG 10 O6 ? ? B DG 16  B DG 22  1_555 ? ? ? ? ? ? TYPE_6_PAIR             ?     ? ? 
hydrog27 hydrog ? ? B DG 4  N2 ? ? ? 1_555 B DG 10 N7 ? ? B DG 16  B DG 22  1_555 ? ? ? ? ? ? TYPE_6_PAIR             ?     ? ? 
hydrog28 hydrog ? ? B DG 5  N1 ? ? ? 1_555 B DG 11 O6 ? ? B DG 17  B DG 23  1_555 ? ? ? ? ? ? TYPE_6_PAIR             ?     ? ? 
hydrog29 hydrog ? ? B DG 5  N2 ? ? ? 1_555 B DG 11 N7 ? ? B DG 17  B DG 23  1_555 ? ? ? ? ? ? TYPE_6_PAIR             ?     ? ? 
# 
loop_
_struct_conn_type.id 
_struct_conn_type.criteria 
_struct_conn_type.reference 
metalc ? ? 
hydrog ? ? 
# 
loop_
_struct_site.id 
_struct_site.pdbx_evidence_code 
_struct_site.pdbx_auth_asym_id 
_struct_site.pdbx_auth_comp_id 
_struct_site.pdbx_auth_seq_id 
_struct_site.pdbx_auth_ins_code 
_struct_site.pdbx_num_residues 
_struct_site.details 
AC1 Software A K   101 ? 9 'binding site for residue K A 101'   
AC2 Software A K   102 ? 9 'binding site for residue K A 102'   
AC3 Software A KPT 103 ? 9 'binding site for residue KPT A 103' 
# 
loop_
_struct_site_gen.id 
_struct_site_gen.site_id 
_struct_site_gen.pdbx_num_res 
_struct_site_gen.label_comp_id 
_struct_site_gen.label_asym_id 
_struct_site_gen.label_seq_id 
_struct_site_gen.pdbx_auth_ins_code 
_struct_site_gen.auth_comp_id 
_struct_site_gen.auth_asym_id 
_struct_site_gen.auth_seq_id 
_struct_site_gen.label_atom_id 
_struct_site_gen.label_alt_id 
_struct_site_gen.symmetry 
_struct_site_gen.details 
1  AC1 9 DG A 4  ? DG A 4   . ? 1_555 ? 
2  AC1 9 DG A 5  ? DG A 5   . ? 1_555 ? 
3  AC1 9 DG A 10 ? DG A 10  . ? 1_555 ? 
4  AC1 9 DG A 11 ? DG A 11  . ? 1_555 ? 
5  AC1 9 K  D .  ? K  A 102 . ? 1_555 ? 
6  AC1 9 DG B 4  ? DG B 16  . ? 1_555 ? 
7  AC1 9 DG B 5  ? DG B 17  . ? 1_555 ? 
8  AC1 9 DG B 10 ? DG B 22  . ? 1_555 ? 
9  AC1 9 DG B 11 ? DG B 23  . ? 1_555 ? 
10 AC2 9 DG A 3  ? DG A 3   . ? 1_555 ? 
11 AC2 9 DG A 4  ? DG A 4   . ? 1_555 ? 
12 AC2 9 DG A 9  ? DG A 9   . ? 1_555 ? 
13 AC2 9 DG A 10 ? DG A 10  . ? 1_555 ? 
14 AC2 9 K  C .  ? K  A 101 . ? 1_555 ? 
15 AC2 9 DG B 3  ? DG B 15  . ? 1_555 ? 
16 AC2 9 DG B 4  ? DG B 16  . ? 1_555 ? 
17 AC2 9 DG B 9  ? DG B 21  . ? 1_555 ? 
18 AC2 9 DG B 10 ? DG B 22  . ? 1_555 ? 
19 AC3 9 DT A 1  ? DT A 1   . ? 3_444 ? 
20 AC3 9 DA A 2  ? DA A 2   . ? 3_444 ? 
21 AC3 9 DG A 5  ? DG A 5   . ? 1_555 ? 
22 AC3 9 DG A 11 ? DG A 11  . ? 1_555 ? 
23 AC3 9 DT A 12 ? DT A 12  . ? 1_555 ? 
24 AC3 9 DT B 1  ? DT B 13  . ? 3_444 ? 
25 AC3 9 DA B 2  ? DA B 14  . ? 3_444 ? 
26 AC3 9 DG B 5  ? DG B 17  . ? 1_555 ? 
27 AC3 9 DG B 11 ? DG B 23  . ? 1_555 ? 
# 
_atom_sites.entry_id                    4P1D 
_atom_sites.fract_transf_matrix[1][1]   0.01096452 
_atom_sites.fract_transf_matrix[1][2]   0.01832850 
_atom_sites.fract_transf_matrix[1][3]   -0.01107396 
_atom_sites.fract_transf_matrix[2][1]   0.02139953 
_atom_sites.fract_transf_matrix[2][2]   -0.00983822 
_atom_sites.fract_transf_matrix[2][3]   0.00490479 
_atom_sites.fract_transf_matrix[3][1]   -0.00049754 
_atom_sites.fract_transf_matrix[3][2]   -0.00759359 
_atom_sites.fract_transf_matrix[3][3]   -0.01306076 
_atom_sites.fract_transf_vector[1]      -0.013924 
_atom_sites.fract_transf_vector[2]      -0.504804 
_atom_sites.fract_transf_vector[3]      -0.078203 
# 
loop_
_atom_type.symbol 
C 
K 
N 
O 
P 
# 
loop_
_atom_site.group_PDB 
_atom_site.id 
_atom_site.type_symbol 
_atom_site.label_atom_id 
_atom_site.label_alt_id 
_atom_site.label_comp_id 
_atom_site.label_asym_id 
_atom_site.label_entity_id 
_atom_site.label_seq_id 
_atom_site.pdbx_PDB_ins_code 
_atom_site.Cartn_x 
_atom_site.Cartn_y 
_atom_site.Cartn_z 
_atom_site.occupancy 
_atom_site.B_iso_or_equiv 
_atom_site.pdbx_formal_charge 
_atom_site.auth_seq_id 
_atom_site.auth_comp_id 
_atom_site.auth_asym_id 
_atom_site.auth_atom_id 
_atom_site.pdbx_PDB_model_num 
ATOM   1   O "O5'" . DT  A 1 1  ? -0.316  2.241   -12.375 1.00 36.85 ? 1   DT  A "O5'" 1 
ATOM   2   C "C5'" . DT  A 1 1  ? -1.034  1.018   -12.124 1.00 27.29 ? 1   DT  A "C5'" 1 
ATOM   3   C "C4'" . DT  A 1 1  ? -1.308  0.799   -10.620 1.00 26.01 ? 1   DT  A "C4'" 1 
ATOM   4   O "O4'" . DT  A 1 1  ? -0.129  0.408   -9.926  1.00 23.15 ? 1   DT  A "O4'" 1 
ATOM   5   C "C3'" . DT  A 1 1  ? -1.886  1.961   -9.859  1.00 24.32 ? 1   DT  A "C3'" 1 
ATOM   6   O "O3'" . DT  A 1 1  ? -3.254  1.725   -9.605  1.00 26.40 ? 1   DT  A "O3'" 1 
ATOM   7   C "C2'" . DT  A 1 1  ? -1.178  1.938   -8.500  1.00 22.88 ? 1   DT  A "C2'" 1 
ATOM   8   C "C1'" . DT  A 1 1  ? -0.304  0.696   -8.507  1.00 21.60 ? 1   DT  A "C1'" 1 
ATOM   9   N N1    . DT  A 1 1  ? 1.114   0.762   -8.148  1.00 20.67 ? 1   DT  A N1    1 
ATOM   10  C C2    . DT  A 1 1  ? 1.741   -0.327  -7.566  1.00 19.37 ? 1   DT  A C2    1 
ATOM   11  O O2    . DT  A 1 1  ? 1.044   -1.340  -7.233  1.00 19.63 ? 1   DT  A O2    1 
ATOM   12  N N3    . DT  A 1 1  ? 3.079   -0.300  -7.312  1.00 18.49 ? 1   DT  A N3    1 
ATOM   13  C C4    . DT  A 1 1  ? 3.871   0.758   -7.628  1.00 22.12 ? 1   DT  A C4    1 
ATOM   14  O O4    . DT  A 1 1  ? 5.134   0.758   -7.433  1.00 22.71 ? 1   DT  A O4    1 
ATOM   15  C C5    . DT  A 1 1  ? 3.213   1.920   -8.232  1.00 20.36 ? 1   DT  A C5    1 
ATOM   16  C C7    . DT  A 1 1  ? 4.027   3.146   -8.564  1.00 25.04 ? 1   DT  A C7    1 
ATOM   17  C C6    . DT  A 1 1  ? 1.864   1.859   -8.467  1.00 22.58 ? 1   DT  A C6    1 
ATOM   18  P P     . DA  A 1 2  ? -4.335  2.836   -9.989  1.00 31.62 ? 2   DA  A P     1 
ATOM   19  O OP1   . DA  A 1 2  ? -4.277  3.026   -11.479 1.00 30.84 ? 2   DA  A OP1   1 
ATOM   20  O OP2   . DA  A 1 2  ? -4.113  4.017   -9.114  1.00 30.28 ? 2   DA  A OP2   1 
ATOM   21  O "O5'" . DA  A 1 2  ? -5.707  2.137   -9.606  1.00 35.07 ? 2   DA  A "O5'" 1 
ATOM   22  C "C5'" . DA  A 1 2  ? -6.147  2.076   -8.247  1.00 32.78 ? 2   DA  A "C5'" 1 
ATOM   23  C "C4'" . DA  A 1 2  ? -7.062  0.895   -8.037  1.00 34.27 ? 2   DA  A "C4'" 1 
ATOM   24  O "O4'" . DA  A 1 2  ? -6.370  -0.307  -8.439  1.00 34.32 ? 2   DA  A "O4'" 1 
ATOM   25  C "C3'" . DA  A 1 2  ? -7.472  0.706   -6.579  1.00 34.48 ? 2   DA  A "C3'" 1 
ATOM   26  O "O3'" . DA  A 1 2  ? -8.827  1.069   -6.384  1.00 38.50 ? 2   DA  A "O3'" 1 
ATOM   27  C "C2'" . DA  A 1 2  ? -7.317  -0.784  -6.306  1.00 34.70 ? 2   DA  A "C2'" 1 
ATOM   28  C "C1'" . DA  A 1 2  ? -6.313  -1.208  -7.365  1.00 33.46 ? 2   DA  A "C1'" 1 
ATOM   29  N N9    . DA  A 1 2  ? -4.928  -1.288  -6.926  1.00 27.72 ? 2   DA  A N9    1 
ATOM   30  C C8    . DA  A 1 2  ? -3.872  -0.537  -7.381  1.00 28.46 ? 2   DA  A C8    1 
ATOM   31  N N7    . DA  A 1 2  ? -2.714  -0.913  -6.903  1.00 25.39 ? 2   DA  A N7    1 
ATOM   32  C C5    . DA  A 1 2  ? -3.021  -2.012  -6.112  1.00 21.39 ? 2   DA  A C5    1 
ATOM   33  C C6    . DA  A 1 2  ? -2.231  -2.835  -5.304  1.00 19.81 ? 2   DA  A C6    1 
ATOM   34  N N6    . DA  A 1 2  ? -0.903  -2.719  -5.202  1.00 20.11 ? 2   DA  A N6    1 
ATOM   35  N N1    . DA  A 1 2  ? -2.844  -3.838  -4.641  1.00 20.90 ? 2   DA  A N1    1 
ATOM   36  C C2    . DA  A 1 2  ? -4.170  -3.966  -4.758  1.00 20.12 ? 2   DA  A C2    1 
ATOM   37  N N3    . DA  A 1 2  ? -5.029  -3.232  -5.463  1.00 21.59 ? 2   DA  A N3    1 
ATOM   38  C C4    . DA  A 1 2  ? -4.381  -2.253  -6.118  1.00 24.56 ? 2   DA  A C4    1 
ATOM   39  P P     . DG  A 1 3  ? -9.210  1.893   -5.064  1.00 46.01 ? 3   DG  A P     1 
ATOM   40  O OP1   . DG  A 1 3  ? -10.527 2.546   -5.304  1.00 43.36 ? 3   DG  A OP1   1 
ATOM   41  O OP2   . DG  A 1 3  ? -8.041  2.731   -4.664  1.00 42.52 ? 3   DG  A OP2   1 
ATOM   42  O "O5'" . DG  A 1 3  ? -9.333  0.756   -3.952  1.00 39.40 ? 3   DG  A "O5'" 1 
ATOM   43  C "C5'" . DG  A 1 3  ? -10.291 -0.306  -4.033  1.00 35.88 ? 3   DG  A "C5'" 1 
ATOM   44  C "C4'" . DG  A 1 3  ? -10.043 -1.286  -2.911  1.00 33.77 ? 3   DG  A "C4'" 1 
ATOM   45  O "O4'" . DG  A 1 3  ? -8.700  -1.815  -3.060  1.00 29.93 ? 3   DG  A "O4'" 1 
ATOM   46  C "C3'" . DG  A 1 3  ? -10.142 -0.759  -1.478  1.00 30.56 ? 3   DG  A "C3'" 1 
ATOM   47  O "O3'" . DG  A 1 3  ? -10.640 -1.858  -0.721  1.00 34.31 ? 3   DG  A "O3'" 1 
ATOM   48  C "C2'" . DG  A 1 3  ? -8.689  -0.441  -1.147  1.00 29.65 ? 3   DG  A "C2'" 1 
ATOM   49  C "C1'" . DG  A 1 3  ? -7.963  -1.556  -1.892  1.00 29.18 ? 3   DG  A "C1'" 1 
ATOM   50  N N9    . DG  A 1 3  ? -6.604  -1.185  -2.275  1.00 24.64 ? 3   DG  A N9    1 
ATOM   51  C C8    . DG  A 1 3  ? -6.176  -0.031  -2.879  1.00 26.84 ? 3   DG  A C8    1 
ATOM   52  N N7    . DG  A 1 3  ? -4.880  0.008   -3.041  1.00 23.50 ? 3   DG  A N7    1 
ATOM   53  C C5    . DG  A 1 3  ? -4.430  -1.175  -2.484  1.00 22.12 ? 3   DG  A C5    1 
ATOM   54  C C6    . DG  A 1 3  ? -3.115  -1.672  -2.334  1.00 21.83 ? 3   DG  A C6    1 
ATOM   55  O O6    . DG  A 1 3  ? -2.054  -1.153  -2.692  1.00 21.83 ? 3   DG  A O6    1 
ATOM   56  N N1    . DG  A 1 3  ? -3.103  -2.892  -1.672  1.00 21.59 ? 3   DG  A N1    1 
ATOM   57  C C2    . DG  A 1 3  ? -4.221  -3.585  -1.282  1.00 21.90 ? 3   DG  A C2    1 
ATOM   58  N N2    . DG  A 1 3  ? -4.015  -4.758  -0.681  1.00 24.22 ? 3   DG  A N2    1 
ATOM   59  N N3    . DG  A 1 3  ? -5.452  -3.116  -1.391  1.00 21.09 ? 3   DG  A N3    1 
ATOM   60  C C4    . DG  A 1 3  ? -5.479  -1.912  -1.988  1.00 23.53 ? 3   DG  A C4    1 
ATOM   61  P P     . DG  A 1 4  ? -10.835 -1.828  0.878   1.00 37.01 ? 4   DG  A P     1 
ATOM   62  O OP1   . DG  A 1 4  ? -12.051 -2.624  1.164   1.00 37.39 ? 4   DG  A OP1   1 
ATOM   63  O OP2   . DG  A 1 4  ? -10.724 -0.443  1.389   1.00 33.52 ? 4   DG  A OP2   1 
ATOM   64  O "O5'" . DG  A 1 4  ? -9.553  -2.583  1.455   1.00 32.56 ? 4   DG  A "O5'" 1 
ATOM   65  C "C5'" . DG  A 1 4  ? -9.413  -4.003  1.329   1.00 29.26 ? 4   DG  A "C5'" 1 
ATOM   66  C "C4'" . DG  A 1 4  ? -8.472  -4.549  2.372   1.00 30.43 ? 4   DG  A "C4'" 1 
ATOM   67  O "O4'" . DG  A 1 4  ? -7.110  -4.325  1.944   1.00 26.86 ? 4   DG  A "O4'" 1 
ATOM   68  C "C3'" . DG  A 1 4  ? -8.594  -3.984  3.785   1.00 28.89 ? 4   DG  A "C3'" 1 
ATOM   69  O "O3'" . DG  A 1 4  ? -8.454  -5.103  4.650   1.00 32.04 ? 4   DG  A "O3'" 1 
ATOM   70  C "C2'" . DG  A 1 4  ? -7.404  -3.035  3.883   1.00 26.20 ? 4   DG  A "C2'" 1 
ATOM   71  C "C1'" . DG  A 1 4  ? -6.374  -3.720  2.986   1.00 24.02 ? 4   DG  A "C1'" 1 
ATOM   72  N N9    . DG  A 1 4  ? -5.447  -2.791  2.349   1.00 21.17 ? 4   DG  A N9    1 
ATOM   73  C C8    . DG  A 1 4  ? -5.761  -1.615  1.716   1.00 20.37 ? 4   DG  A C8    1 
ATOM   74  N N7    . DG  A 1 4  ? -4.721  -1.008  1.216   1.00 19.76 ? 4   DG  A N7    1 
ATOM   75  C C5    . DG  A 1 4  ? -3.659  -1.845  1.518   1.00 19.33 ? 4   DG  A C5    1 
ATOM   76  C C6    . DG  A 1 4  ? -2.282  -1.704  1.247   1.00 20.21 ? 4   DG  A C6    1 
ATOM   77  O O6    . DG  A 1 4  ? -1.710  -0.805  0.612   1.00 16.67 ? 4   DG  A O6    1 
ATOM   78  N N1    . DG  A 1 4  ? -1.549  -2.779  1.745   1.00 19.50 ? 4   DG  A N1    1 
ATOM   79  C C2    . DG  A 1 4  ? -2.078  -3.841  2.434   1.00 19.72 ? 4   DG  A C2    1 
ATOM   80  N N2    . DG  A 1 4  ? -1.212  -4.761  2.853   1.00 23.82 ? 4   DG  A N2    1 
ATOM   81  N N3    . DG  A 1 4  ? -3.361  -3.975  2.700   1.00 19.73 ? 4   DG  A N3    1 
ATOM   82  C C4    . DG  A 1 4  ? -4.087  -2.947  2.224   1.00 20.33 ? 4   DG  A C4    1 
ATOM   83  P P     . DG  A 1 5  ? -8.440  -4.940  6.236   1.00 32.03 ? 5   DG  A P     1 
ATOM   84  O OP1   . DG  A 1 5  ? -9.120  -6.155  6.828   1.00 36.09 ? 5   DG  A OP1   1 
ATOM   85  O OP2   . DG  A 1 5  ? -8.936  -3.582  6.595   1.00 33.42 ? 5   DG  A OP2   1 
ATOM   86  O "O5'" . DG  A 1 5  ? -6.895  -5.026  6.606   1.00 33.08 ? 5   DG  A "O5'" 1 
ATOM   87  C "C5'" . DG  A 1 5  ? -6.219  -6.289  6.714   1.00 31.43 ? 5   DG  A "C5'" 1 
ATOM   88  C "C4'" . DG  A 1 5  ? -4.868  -6.086  7.353   1.00 30.86 ? 5   DG  A "C4'" 1 
ATOM   89  O "O4'" . DG  A 1 5  ? -4.046  -5.290  6.466   1.00 27.54 ? 5   DG  A "O4'" 1 
ATOM   90  C "C3'" . DG  A 1 5  ? -4.892  -5.352  8.689   1.00 30.44 ? 5   DG  A "C3'" 1 
ATOM   91  O "O3'" . DG  A 1 5  ? -4.123  -6.101  9.594   1.00 34.70 ? 5   DG  A "O3'" 1 
ATOM   92  C "C2'" . DG  A 1 5  ? -4.198  -4.015  8.399   1.00 26.52 ? 5   DG  A "C2'" 1 
ATOM   93  C "C1'" . DG  A 1 5  ? -3.297  -4.370  7.227   1.00 25.10 ? 5   DG  A "C1'" 1 
ATOM   94  N N9    . DG  A 1 5  ? -2.983  -3.227  6.366   1.00 21.04 ? 5   DG  A N9    1 
ATOM   95  C C8    . DG  A 1 5  ? -3.879  -2.318  5.856   1.00 20.90 ? 5   DG  A C8    1 
ATOM   96  N N7    . DG  A 1 5  ? -3.312  -1.397  5.127   1.00 19.71 ? 5   DG  A N7    1 
ATOM   97  C C5    . DG  A 1 5  ? -1.972  -1.749  5.114   1.00 19.95 ? 5   DG  A C5    1 
ATOM   98  C C6    . DG  A 1 5  ? -0.872  -1.139  4.467   1.00 18.48 ? 5   DG  A C6    1 
ATOM   99  O O6    . DG  A 1 5  ? -0.860  -0.111  3.764   1.00 19.82 ? 5   DG  A O6    1 
ATOM   100 N N1    . DG  A 1 5  ? 0.318   -1.808  4.741   1.00 19.94 ? 5   DG  A N1    1 
ATOM   101 C C2    . DG  A 1 5  ? 0.432   -2.924  5.532   1.00 21.61 ? 5   DG  A C2    1 
ATOM   102 N N2    . DG  A 1 5  ? 1.669   -3.436  5.667   1.00 25.17 ? 5   DG  A N2    1 
ATOM   103 N N3    . DG  A 1 5  ? -0.585  -3.498  6.145   1.00 20.55 ? 5   DG  A N3    1 
ATOM   104 C C4    . DG  A 1 5  ? -1.755  -2.884  5.866   1.00 20.95 ? 5   DG  A C4    1 
ATOM   105 P P     . DT  A 1 6  ? -4.765  -6.523  10.988  1.00 37.49 ? 6   DT  A P     1 
ATOM   106 O OP1   . DT  A 1 6  ? -5.660  -5.422  11.486  1.00 34.57 ? 6   DT  A OP1   1 
ATOM   107 O OP2   . DT  A 1 6  ? -3.654  -7.114  11.815  1.00 38.22 ? 6   DT  A OP2   1 
ATOM   108 O "O5'" . DT  A 1 6  ? -5.842  -7.639  10.529  1.00 36.03 ? 6   DT  A "O5'" 1 
ATOM   109 C "C5'" . DT  A 1 6  ? -5.355  -8.902  10.139  1.00 38.17 ? 6   DT  A "C5'" 1 
ATOM   110 C "C4'" . DT  A 1 6  ? -6.429  -9.856  10.635  1.00 35.09 ? 6   DT  A "C4'" 1 
ATOM   111 O "O4'" . DT  A 1 6  ? -7.690  -9.513  10.050  1.00 34.58 ? 6   DT  A "O4'" 1 
ATOM   112 C "C3'" . DT  A 1 6  ? -6.113  -11.294 10.300  1.00 37.88 ? 6   DT  A "C3'" 1 
ATOM   113 O "O3'" . DT  A 1 6  ? -6.479  -12.046 11.450  1.00 38.22 ? 6   DT  A "O3'" 1 
ATOM   114 C "C2'" . DT  A 1 6  ? -7.121  -11.652 9.227   1.00 34.27 ? 6   DT  A "C2'" 1 
ATOM   115 C "C1'" . DT  A 1 6  ? -8.280  -10.722 9.561   1.00 35.09 ? 6   DT  A "C1'" 1 
ATOM   116 N N1    . DT  A 1 6  ? -9.130  -10.450 8.415   1.00 35.67 ? 6   DT  A N1    1 
ATOM   117 C C2    . DT  A 1 6  ? -8.562  -9.882  7.234   1.00 37.18 ? 6   DT  A C2    1 
ATOM   118 O O2    . DT  A 1 6  ? -7.329  -9.621  7.157   1.00 43.01 ? 6   DT  A O2    1 
ATOM   119 N N3    . DT  A 1 6  ? -9.307  -9.622  6.166   1.00 36.67 ? 6   DT  A N3    1 
ATOM   120 C C4    . DT  A 1 6  ? -10.612 -9.875  6.186   1.00 36.54 ? 6   DT  A C4    1 
ATOM   121 O O4    . DT  A 1 6  ? -11.283 -9.594  5.165   1.00 38.40 ? 6   DT  A O4    1 
ATOM   122 C C5    . DT  A 1 6  ? -11.225 -10.447 7.413   1.00 33.49 ? 6   DT  A C5    1 
ATOM   123 C C7    . DT  A 1 6  ? -12.693 -10.733 7.453   1.00 38.63 ? 6   DT  A C7    1 
ATOM   124 C C6    . DT  A 1 6  ? -10.437 -10.727 8.517   1.00 35.50 ? 6   DT  A C6    1 
ATOM   125 P P     . DT  A 1 7  ? -5.361  -12.617 12.435  1.00 39.22 ? 7   DT  A P     1 
ATOM   126 O OP1   . DT  A 1 7  ? -6.074  -13.244 13.608  1.00 40.65 ? 7   DT  A OP1   1 
ATOM   127 O OP2   . DT  A 1 7  ? -4.366  -11.498 12.709  1.00 42.37 ? 7   DT  A OP2   1 
ATOM   128 O "O5'" . DT  A 1 7  ? -4.635  -13.765 11.575  1.00 37.20 ? 7   DT  A "O5'" 1 
ATOM   129 C "C5'" . DT  A 1 7  ? -5.326  -14.971 11.236  1.00 34.40 ? 7   DT  A "C5'" 1 
ATOM   130 C "C4'" . DT  A 1 7  ? -4.565  -15.549 10.058  1.00 30.99 ? 7   DT  A "C4'" 1 
ATOM   131 O "O4'" . DT  A 1 7  ? -5.131  -16.771 9.600   1.00 30.79 ? 7   DT  A "O4'" 1 
ATOM   132 C "C3'" . DT  A 1 7  ? -4.706  -14.617 8.878   1.00 31.85 ? 7   DT  A "C3'" 1 
ATOM   133 O "O3'" . DT  A 1 7  ? -3.627  -14.861 7.994   1.00 31.99 ? 7   DT  A "O3'" 1 
ATOM   134 C "C2'" . DT  A 1 7  ? -5.970  -15.072 8.198   1.00 28.11 ? 7   DT  A "C2'" 1 
ATOM   135 C "C1'" . DT  A 1 7  ? -6.053  -16.562 8.525   1.00 29.03 ? 7   DT  A "C1'" 1 
ATOM   136 N N1    . DT  A 1 7  ? -7.393  -17.022 8.924   1.00 27.71 ? 7   DT  A N1    1 
ATOM   137 C C2    . DT  A 1 7  ? -8.385  -17.040 7.954   1.00 26.07 ? 7   DT  A C2    1 
ATOM   138 O O2    . DT  A 1 7  ? -8.051  -16.666 6.822   1.00 25.72 ? 7   DT  A O2    1 
ATOM   139 N N3    . DT  A 1 7  ? -9.648  -17.452 8.204   1.00 26.82 ? 7   DT  A N3    1 
ATOM   140 C C4    . DT  A 1 7  ? -9.983  -17.871 9.443   1.00 24.94 ? 7   DT  A C4    1 
ATOM   141 O O4    . DT  A 1 7  ? -11.149 -18.238 9.639   1.00 27.16 ? 7   DT  A O4    1 
ATOM   142 C C5    . DT  A 1 7  ? -8.942  -17.869 10.507  1.00 25.98 ? 7   DT  A C5    1 
ATOM   143 C C7    . DT  A 1 7  ? -9.268  -18.290 11.917  1.00 28.80 ? 7   DT  A C7    1 
ATOM   144 C C6    . DT  A 1 7  ? -7.673  -17.424 10.171  1.00 26.78 ? 7   DT  A C6    1 
ATOM   145 P P     . DA  A 1 8  ? -2.945  -13.643 7.205   1.00 36.13 ? 8   DA  A P     1 
ATOM   146 O OP1   . DA  A 1 8  ? -1.715  -14.183 6.539   1.00 33.14 ? 8   DA  A OP1   1 
ATOM   147 O OP2   . DA  A 1 8  ? -2.884  -12.493 8.128   1.00 35.88 ? 8   DA  A OP2   1 
ATOM   148 O "O5'" . DA  A 1 8  ? -4.048  -13.238 6.132   1.00 33.10 ? 8   DA  A "O5'" 1 
ATOM   149 C "C5'" . DA  A 1 8  ? -4.109  -13.898 4.854   1.00 32.19 ? 8   DA  A "C5'" 1 
ATOM   150 C "C4'" . DA  A 1 8  ? -5.131  -13.230 3.983   1.00 30.11 ? 8   DA  A "C4'" 1 
ATOM   151 O "O4'" . DA  A 1 8  ? -6.466  -13.671 4.337   1.00 30.00 ? 8   DA  A "O4'" 1 
ATOM   152 C "C3'" . DA  A 1 8  ? -5.195  -11.693 4.052   1.00 29.19 ? 8   DA  A "C3'" 1 
ATOM   153 O "O3'" . DA  A 1 8  ? -5.077  -11.216 2.722   1.00 31.38 ? 8   DA  A "O3'" 1 
ATOM   154 C "C2'" . DA  A 1 8  ? -6.629  -11.405 4.502   1.00 31.02 ? 8   DA  A "C2'" 1 
ATOM   155 C "C1'" . DA  A 1 8  ? -7.354  -12.644 3.992   1.00 27.70 ? 8   DA  A "C1'" 1 
ATOM   156 N N9    . DA  A 1 8  ? -8.659  -12.927 4.585   1.00 25.55 ? 8   DA  A N9    1 
ATOM   157 C C8    . DA  A 1 8  ? -8.947  -13.400 5.843   1.00 25.57 ? 8   DA  A C8    1 
ATOM   158 N N7    . DA  A 1 8  ? -10.228 -13.564 6.067   1.00 25.35 ? 8   DA  A N7    1 
ATOM   159 C C5    . DA  A 1 8  ? -10.824 -13.213 4.862   1.00 27.04 ? 8   DA  A C5    1 
ATOM   160 C C6    . DA  A 1 8  ? -12.165 -13.182 4.446   1.00 26.41 ? 8   DA  A C6    1 
ATOM   161 N N6    . DA  A 1 8  ? -13.193 -13.536 5.224   1.00 27.23 ? 8   DA  A N6    1 
ATOM   162 N N1    . DA  A 1 8  ? -12.419 -12.781 3.180   1.00 29.16 ? 8   DA  A N1    1 
ATOM   163 C C2    . DA  A 1 8  ? -11.388 -12.412 2.406   1.00 26.68 ? 8   DA  A C2    1 
ATOM   164 N N3    . DA  A 1 8  ? -10.087 -12.393 2.684   1.00 27.13 ? 8   DA  A N3    1 
ATOM   165 C C4    . DA  A 1 8  ? -9.868  -12.824 3.939   1.00 25.66 ? 8   DA  A C4    1 
ATOM   166 P P     . DG  A 1 9  ? -4.251  -9.857  2.418   1.00 34.64 ? 9   DG  A P     1 
ATOM   167 O OP1   . DG  A 1 9  ? -4.683  -8.833  3.401   1.00 35.16 ? 9   DG  A OP1   1 
ATOM   168 O OP2   . DG  A 1 9  ? -4.324  -9.609  0.950   1.00 37.60 ? 9   DG  A OP2   1 
ATOM   169 O "O5'" . DG  A 1 9  ? -2.770  -10.282 2.803   1.00 33.50 ? 9   DG  A "O5'" 1 
ATOM   170 C "C5'" . DG  A 1 9  ? -2.104  -11.326 2.063   1.00 34.11 ? 9   DG  A "C5'" 1 
ATOM   171 C "C4'" . DG  A 1 9  ? -0.646  -10.976 1.924   1.00 33.50 ? 9   DG  A "C4'" 1 
ATOM   172 O "O4'" . DG  A 1 9  ? -0.508  -10.013 0.852   1.00 32.17 ? 9   DG  A "O4'" 1 
ATOM   173 C "C3'" . DG  A 1 9  ? -0.030  -10.341 3.168   1.00 34.36 ? 9   DG  A "C3'" 1 
ATOM   174 O "O3'" . DG  A 1 9  ? 1.225   -10.935 3.395   1.00 37.55 ? 9   DG  A "O3'" 1 
ATOM   175 C "C2'" . DG  A 1 9  ? 0.094   -8.858  2.801   1.00 31.86 ? 9   DG  A "C2'" 1 
ATOM   176 C "C1'" . DG  A 1 9  ? 0.274   -8.924  1.287   1.00 30.48 ? 9   DG  A "C1'" 1 
ATOM   177 N N9    . DG  A 1 9  ? -0.214  -7.724  0.615   1.00 25.08 ? 9   DG  A N9    1 
ATOM   178 C C8    . DG  A 1 9  ? -1.513  -7.299  0.499   1.00 22.74 ? 9   DG  A C8    1 
ATOM   179 N N7    . DG  A 1 9  ? -1.624  -6.168  -0.145  1.00 23.21 ? 9   DG  A N7    1 
ATOM   180 C C5    . DG  A 1 9  ? -0.317  -5.802  -0.427  1.00 21.17 ? 9   DG  A C5    1 
ATOM   181 C C6    . DG  A 1 9  ? 0.200   -4.655  -1.093  1.00 20.23 ? 9   DG  A C6    1 
ATOM   182 O O6    . DG  A 1 9  ? -0.418  -3.709  -1.591  1.00 20.58 ? 9   DG  A O6    1 
ATOM   183 N N1    . DG  A 1 9  ? 1.586   -4.702  -1.189  1.00 20.34 ? 9   DG  A N1    1 
ATOM   184 C C2    . DG  A 1 9  ? 2.374   -5.716  -0.694  1.00 19.05 ? 9   DG  A C2    1 
ATOM   185 N N2    . DG  A 1 9  ? 3.696   -5.560  -0.821  1.00 22.71 ? 9   DG  A N2    1 
ATOM   186 N N3    . DG  A 1 9  ? 1.906   -6.781  -0.072  1.00 21.31 ? 9   DG  A N3    1 
ATOM   187 C C4    . DG  A 1 9  ? 0.564   -6.757  0.028   1.00 22.21 ? 9   DG  A C4    1 
ATOM   188 P P     . DG  A 1 10 ? 2.046   -10.576 4.714   1.00 45.01 ? 10  DG  A P     1 
ATOM   189 O OP1   . DG  A 1 10 ? 2.810   -11.785 5.109   1.00 46.37 ? 10  DG  A OP1   1 
ATOM   190 O OP2   . DG  A 1 10 ? 1.130   -9.923  5.688   1.00 40.66 ? 10  DG  A OP2   1 
ATOM   191 O "O5'" . DG  A 1 10 ? 3.033   -9.427  4.222   1.00 38.49 ? 10  DG  A "O5'" 1 
ATOM   192 C "C5'" . DG  A 1 10 ? 3.995   -9.636  3.176   1.00 38.38 ? 10  DG  A "C5'" 1 
ATOM   193 C "C4'" . DG  A 1 10 ? 5.112   -8.609  3.259   1.00 33.63 ? 10  DG  A "C4'" 1 
ATOM   194 O "O4'" . DG  A 1 10 ? 4.783   -7.415  2.499   1.00 33.57 ? 10  DG  A "O4'" 1 
ATOM   195 C "C3'" . DG  A 1 10 ? 5.510   -8.129  4.646   1.00 35.97 ? 10  DG  A "C3'" 1 
ATOM   196 O "O3'" . DG  A 1 10 ? 6.919   -7.978  4.572   1.00 36.68 ? 10  DG  A "O3'" 1 
ATOM   197 C "C2'" . DG  A 1 10 ? 4.796   -6.780  4.769   1.00 31.29 ? 10  DG  A "C2'" 1 
ATOM   198 C "C1'" . DG  A 1 10 ? 4.861   -6.266  3.330   1.00 27.68 ? 10  DG  A "C1'" 1 
ATOM   199 N N9    . DG  A 1 10 ? 3.751   -5.392  2.948   1.00 23.81 ? 10  DG  A N9    1 
ATOM   200 C C8    . DG  A 1 10 ? 2.413   -5.659  3.100   1.00 23.08 ? 10  DG  A C8    1 
ATOM   201 N N7    . DG  A 1 10 ? 1.646   -4.728  2.597   1.00 22.18 ? 10  DG  A N7    1 
ATOM   202 C C5    . DG  A 1 10 ? 2.528   -3.818  2.041   1.00 20.12 ? 10  DG  A C5    1 
ATOM   203 C C6    . DG  A 1 10 ? 2.278   -2.610  1.342   1.00 19.43 ? 10  DG  A C6    1 
ATOM   204 O O6    . DG  A 1 10 ? 1.186   -2.109  1.043   1.00 17.12 ? 10  DG  A O6    1 
ATOM   205 N N1    . DG  A 1 10 ? 3.455   -1.983  0.964   1.00 19.67 ? 10  DG  A N1    1 
ATOM   206 C C2    . DG  A 1 10 ? 4.719   -2.451  1.244   1.00 21.11 ? 10  DG  A C2    1 
ATOM   207 N N2    . DG  A 1 10 ? 5.739   -1.719  0.789   1.00 23.52 ? 10  DG  A N2    1 
ATOM   208 N N3    . DG  A 1 10 ? 4.962   -3.601  1.851   1.00 23.51 ? 10  DG  A N3    1 
ATOM   209 C C4    . DG  A 1 10 ? 3.832   -4.217  2.236   1.00 20.70 ? 10  DG  A C4    1 
ATOM   210 P P     . DG  A 1 11 ? 7.736   -7.464  5.850   1.00 39.24 ? 11  DG  A P     1 
ATOM   211 O OP1   . DG  A 1 11 ? 9.053   -8.170  5.856   1.00 42.72 ? 11  DG  A OP1   1 
ATOM   212 O OP2   . DG  A 1 11 ? 6.837   -7.533  7.032   1.00 34.41 ? 11  DG  A OP2   1 
ATOM   213 O "O5'" . DG  A 1 11 ? 8.028   -5.938  5.501   1.00 36.94 ? 11  DG  A "O5'" 1 
ATOM   214 C "C5'" . DG  A 1 11 ? 8.856   -5.609  4.383   1.00 34.02 ? 11  DG  A "C5'" 1 
ATOM   215 C "C4'" . DG  A 1 11 ? 9.199   -4.142  4.373   1.00 35.05 ? 11  DG  A "C4'" 1 
ATOM   216 O "O4'" . DG  A 1 11 ? 8.030   -3.361  3.981   1.00 32.60 ? 11  DG  A "O4'" 1 
ATOM   217 C "C3'" . DG  A 1 11 ? 9.675   -3.536  5.685   1.00 33.41 ? 11  DG  A "C3'" 1 
ATOM   218 O "O3'" . DG  A 1 11 ? 10.532  -2.508  5.198   1.00 38.78 ? 11  DG  A "O3'" 1 
ATOM   219 C "C2'" . DG  A 1 11 ? 8.389   -2.903  6.232   1.00 32.16 ? 11  DG  A "C2'" 1 
ATOM   220 C "C1'" . DG  A 1 11 ? 7.780   -2.355  4.942   1.00 30.76 ? 11  DG  A "C1'" 1 
ATOM   221 N N9    . DG  A 1 11 ? 6.350   -2.044  4.883   1.00 23.86 ? 11  DG  A N9    1 
ATOM   222 C C8    . DG  A 1 11 ? 5.309   -2.833  5.303   1.00 24.07 ? 11  DG  A C8    1 
ATOM   223 N N7    . DG  A 1 11 ? 4.138   -2.313  5.053   1.00 23.34 ? 11  DG  A N7    1 
ATOM   224 C C5    . DG  A 1 11 ? 4.423   -1.148  4.355   1.00 22.64 ? 11  DG  A C5    1 
ATOM   225 C C6    . DG  A 1 11 ? 3.549   -0.179  3.786   1.00 22.32 ? 11  DG  A C6    1 
ATOM   226 O O6    . DG  A 1 11 ? 2.316   -0.190  3.738   1.00 19.91 ? 11  DG  A O6    1 
ATOM   227 N N1    . DG  A 1 11 ? 4.255   0.858   3.192   1.00 23.99 ? 11  DG  A N1    1 
ATOM   228 C C2    . DG  A 1 11 ? 5.627   0.947   3.138   1.00 25.06 ? 11  DG  A C2    1 
ATOM   229 N N2    . DG  A 1 11 ? 6.125   2.008   2.499   1.00 25.96 ? 11  DG  A N2    1 
ATOM   230 N N3    . DG  A 1 11 ? 6.450   0.043   3.650   1.00 24.88 ? 11  DG  A N3    1 
ATOM   231 C C4    . DG  A 1 11 ? 5.784   -0.976  4.228   1.00 23.95 ? 11  DG  A C4    1 
ATOM   232 P P     . DT  A 1 12 ? 12.150  -2.504  5.460   1.00 39.21 ? 12  DT  A P     1 
ATOM   233 O OP1   . DT  A 1 12 ? 12.781  -1.820  4.264   1.00 38.35 ? 12  DT  A OP1   1 
ATOM   234 O OP2   . DT  A 1 12 ? 12.588  -3.894  5.863   1.00 41.71 ? 12  DT  A OP2   1 
ATOM   235 O "O5'" . DT  A 1 12 ? 12.290  -1.546  6.727   1.00 37.40 ? 12  DT  A "O5'" 1 
ATOM   236 C "C5'" . DT  A 1 12 ? 11.827  -2.091  7.950   1.00 34.37 ? 12  DT  A "C5'" 1 
ATOM   237 C "C4'" . DT  A 1 12 ? 11.176  -0.948  8.671   1.00 32.01 ? 12  DT  A "C4'" 1 
ATOM   238 O "O4'" . DT  A 1 12 ? 10.067  -0.543  7.866   1.00 32.52 ? 12  DT  A "O4'" 1 
ATOM   239 C "C3'" . DT  A 1 12 ? 10.635  -1.357  10.036  1.00 30.57 ? 12  DT  A "C3'" 1 
ATOM   240 O "O3'" . DT  A 1 12 ? 11.396  -0.741  11.095  1.00 32.07 ? 12  DT  A "O3'" 1 
ATOM   241 C "C2'" . DT  A 1 12 ? 9.200   -0.822  10.055  1.00 30.77 ? 12  DT  A "C2'" 1 
ATOM   242 C "C1'" . DT  A 1 12 ? 9.142   0.025   8.794   1.00 28.65 ? 12  DT  A "C1'" 1 
ATOM   243 N N1    . DT  A 1 12 ? 7.780   0.260   8.247   1.00 26.94 ? 12  DT  A N1    1 
ATOM   244 C C2    . DT  A 1 12 ? 7.588   1.391   7.426   1.00 28.86 ? 12  DT  A C2    1 
ATOM   245 O O2    . DT  A 1 12 ? 8.561   2.114   7.153   1.00 31.14 ? 12  DT  A O2    1 
ATOM   246 N N3    . DT  A 1 12 ? 6.376   1.695   6.919   1.00 24.75 ? 12  DT  A N3    1 
ATOM   247 C C4    . DT  A 1 12 ? 5.340   0.921   7.216   1.00 26.57 ? 12  DT  A C4    1 
ATOM   248 O O4    . DT  A 1 12 ? 4.226   1.208   6.758   1.00 25.19 ? 12  DT  A O4    1 
ATOM   249 C C5    . DT  A 1 12 ? 5.473   -0.263  8.083   1.00 24.99 ? 12  DT  A C5    1 
ATOM   250 C C7    . DT  A 1 12 ? 4.306   -1.136  8.425   1.00 25.09 ? 12  DT  A C7    1 
ATOM   251 C C6    . DT  A 1 12 ? 6.753   -0.564  8.573   1.00 26.49 ? 12  DT  A C6    1 
ATOM   252 O "O5'" . DT  B 1 1  ? 1.678   -12.300 -4.807  1.00 35.10 ? 13  DT  B "O5'" 1 
ATOM   253 C "C5'" . DT  B 1 1  ? 1.071   -10.998 -4.833  1.00 27.92 ? 13  DT  B "C5'" 1 
ATOM   254 C "C4'" . DT  B 1 1  ? 2.134   -9.918  -4.854  1.00 26.64 ? 13  DT  B "C4'" 1 
ATOM   255 O "O4'" . DT  B 1 1  ? 1.466   -8.670  -5.003  1.00 23.38 ? 13  DT  B "O4'" 1 
ATOM   256 C "C3'" . DT  B 1 1  ? 2.950   -9.834  -3.587  1.00 24.11 ? 13  DT  B "C3'" 1 
ATOM   257 O "O3'" . DT  B 1 1  ? 4.259   -9.404  -3.895  1.00 26.87 ? 13  DT  B "O3'" 1 
ATOM   258 C "C2'" . DT  B 1 1  ? 2.305   -8.709  -2.807  1.00 24.28 ? 13  DT  B "C2'" 1 
ATOM   259 C "C1'" . DT  B 1 1  ? 1.623   -7.833  -3.838  1.00 20.03 ? 13  DT  B "C1'" 1 
ATOM   260 N N1    . DT  B 1 1  ? 0.210   -7.585  -3.589  1.00 20.52 ? 13  DT  B N1    1 
ATOM   261 C C2    . DT  B 1 1  ? -0.406  -6.391  -3.964  1.00 20.42 ? 13  DT  B C2    1 
ATOM   262 O O2    . DT  B 1 1  ? 0.311   -5.454  -4.421  1.00 20.31 ? 13  DT  B O2    1 
ATOM   263 N N3    . DT  B 1 1  ? -1.674  -6.149  -3.786  1.00 22.09 ? 13  DT  B N3    1 
ATOM   264 C C4    . DT  B 1 1  ? -2.511  -7.081  -3.314  1.00 21.90 ? 13  DT  B C4    1 
ATOM   265 O O4    . DT  B 1 1  ? -3.718  -6.814  -3.220  1.00 23.31 ? 13  DT  B O4    1 
ATOM   266 C C5    . DT  B 1 1  ? -1.913  -8.368  -2.920  1.00 22.70 ? 13  DT  B C5    1 
ATOM   267 C C7    . DT  B 1 1  ? -2.783  -9.490  -2.372  1.00 25.39 ? 13  DT  B C7    1 
ATOM   268 C C6    . DT  B 1 1  ? -0.570  -8.577  -3.088  1.00 23.56 ? 13  DT  B C6    1 
ATOM   269 P P     . DA  B 1 2  ? 5.518   -10.073 -3.142  1.00 34.42 ? 14  DA  B P     1 
ATOM   270 O OP1   . DA  B 1 2  ? 5.754   -11.388 -3.778  1.00 32.10 ? 14  DA  B OP1   1 
ATOM   271 O OP2   . DA  B 1 2  ? 5.225   -10.065 -1.668  1.00 33.42 ? 14  DA  B OP2   1 
ATOM   272 O "O5'" . DA  B 1 2  ? 6.677   -9.013  -3.386  1.00 32.14 ? 14  DA  B "O5'" 1 
ATOM   273 C "C5'" . DA  B 1 2  ? 7.784   -9.255  -4.258  1.00 30.91 ? 14  DA  B "C5'" 1 
ATOM   274 C "C4'" . DA  B 1 2  ? 8.650   -8.015  -4.332  1.00 28.42 ? 14  DA  B "C4'" 1 
ATOM   275 O "O4'" . DA  B 1 2  ? 7.959   -6.969  -5.065  1.00 27.21 ? 14  DA  B "O4'" 1 
ATOM   276 C "C3'" . DA  B 1 2  ? 9.073   -7.373  -3.012  1.00 29.31 ? 14  DA  B "C3'" 1 
ATOM   277 O "O3'" . DA  B 1 2  ? 10.308  -6.757  -3.327  1.00 32.89 ? 14  DA  B "O3'" 1 
ATOM   278 C "C2'" . DA  B 1 2  ? 8.005   -6.303  -2.784  1.00 29.25 ? 14  DA  B "C2'" 1 
ATOM   279 C "C1'" . DA  B 1 2  ? 7.703   -5.854  -4.214  1.00 25.53 ? 14  DA  B "C1'" 1 
ATOM   280 N N9    . DA  B 1 2  ? 6.303   -5.477  -4.406  1.00 20.96 ? 14  DA  B N9    1 
ATOM   281 C C8    . DA  B 1 2  ? 5.210   -6.156  -3.926  1.00 20.93 ? 14  DA  B C8    1 
ATOM   282 N N7    . DA  B 1 2  ? 4.063   -5.616  -4.260  1.00 22.07 ? 14  DA  B N7    1 
ATOM   283 C C5    . DA  B 1 2  ? 4.424   -4.522  -5.032  1.00 18.26 ? 14  DA  B C5    1 
ATOM   284 C C6    . DA  B 1 2  ? 3.665   -3.536  -5.680  1.00 17.65 ? 14  DA  B C6    1 
ATOM   285 N N6    . DA  B 1 2  ? 2.334   -3.528  -5.703  1.00 18.63 ? 14  DA  B N6    1 
ATOM   286 N N1    . DA  B 1 2  ? 4.328   -2.551  -6.317  1.00 18.89 ? 14  DA  B N1    1 
ATOM   287 C C2    . DA  B 1 2  ? 5.667   -2.606  -6.364  1.00 20.08 ? 14  DA  B C2    1 
ATOM   288 N N3    . DA  B 1 2  ? 6.495   -3.461  -5.768  1.00 20.27 ? 14  DA  B N3    1 
ATOM   289 C C4    . DA  B 1 2  ? 5.802   -4.408  -5.107  1.00 20.95 ? 14  DA  B C4    1 
ATOM   290 P P     . DG  B 1 3  ? 11.205  -6.093  -2.172  1.00 36.37 ? 15  DG  B P     1 
ATOM   291 O OP1   . DG  B 1 3  ? 12.628  -6.129  -2.640  1.00 40.20 ? 15  DG  B OP1   1 
ATOM   292 O OP2   . DG  B 1 3  ? 10.800  -6.683  -0.871  1.00 32.89 ? 15  DG  B OP2   1 
ATOM   293 O "O5'" . DG  B 1 3  ? 10.771  -4.560  -2.226  1.00 35.87 ? 15  DG  B "O5'" 1 
ATOM   294 C "C5'" . DG  B 1 3  ? 11.060  -3.782  -3.391  1.00 29.18 ? 15  DG  B "C5'" 1 
ATOM   295 C "C4'" . DG  B 1 3  ? 10.369  -2.451  -3.308  1.00 30.24 ? 15  DG  B "C4'" 1 
ATOM   296 O "O4'" . DG  B 1 3  ? 8.939   -2.649  -3.470  1.00 28.26 ? 15  DG  B "O4'" 1 
ATOM   297 C "C3'" . DG  B 1 3  ? 10.543  -1.659  -2.011  1.00 30.94 ? 15  DG  B "C3'" 1 
ATOM   298 O "O3'" . DG  B 1 3  ? 10.997  -0.414  -2.505  1.00 36.32 ? 15  DG  B "O3'" 1 
ATOM   299 C "C2'" . DG  B 1 3  ? 9.121   -1.565  -1.447  1.00 30.08 ? 15  DG  B "C2'" 1 
ATOM   300 C "C1'" . DG  B 1 3  ? 8.282   -1.677  -2.717  1.00 27.36 ? 15  DG  B "C1'" 1 
ATOM   301 N N9    . DG  B 1 3  ? 6.913   -2.116  -2.503  1.00 22.77 ? 15  DG  B N9    1 
ATOM   302 C C8    . DG  B 1 3  ? 6.484   -3.264  -1.889  1.00 22.95 ? 15  DG  B C8    1 
ATOM   303 N N7    . DG  B 1 3  ? 5.184   -3.359  -1.834  1.00 22.45 ? 15  DG  B N7    1 
ATOM   304 C C5    . DG  B 1 3  ? 4.733   -2.242  -2.516  1.00 20.34 ? 15  DG  B C5    1 
ATOM   305 C C6    . DG  B 1 3  ? 3.414   -1.811  -2.797  1.00 18.82 ? 15  DG  B C6    1 
ATOM   306 O O6    . DG  B 1 3  ? 2.346   -2.361  -2.504  1.00 20.58 ? 15  DG  B O6    1 
ATOM   307 N N1    . DG  B 1 3  ? 3.406   -0.600  -3.471  1.00 17.95 ? 15  DG  B N1    1 
ATOM   308 C C2    . DG  B 1 3  ? 4.528   0.098   -3.848  1.00 19.94 ? 15  DG  B C2    1 
ATOM   309 N N2    . DG  B 1 3  ? 4.326   1.237   -4.497  1.00 20.50 ? 15  DG  B N2    1 
ATOM   310 N N3    . DG  B 1 3  ? 5.762   -0.300  -3.606  1.00 21.56 ? 15  DG  B N3    1 
ATOM   311 C C4    . DG  B 1 3  ? 5.789   -1.470  -2.943  1.00 21.52 ? 15  DG  B C4    1 
ATOM   312 P P     . DG  B 1 4  ? 11.535  0.742   -1.539  1.00 41.81 ? 16  DG  B P     1 
ATOM   313 O OP1   . DG  B 1 4  ? 12.779  1.291   -2.146  1.00 38.71 ? 16  DG  B OP1   1 
ATOM   314 O OP2   . DG  B 1 4  ? 11.485  0.288   -0.130  1.00 37.93 ? 16  DG  B OP2   1 
ATOM   315 O "O5'" . DG  B 1 4  ? 10.453  1.894   -1.719  1.00 39.16 ? 16  DG  B "O5'" 1 
ATOM   316 C "C5'" . DG  B 1 4  ? 10.325  2.567   -2.969  1.00 37.88 ? 16  DG  B "C5'" 1 
ATOM   317 C "C4'" . DG  B 1 4  ? 9.345   3.704   -2.835  1.00 35.26 ? 16  DG  B "C4'" 1 
ATOM   318 O "O4'" . DG  B 1 4  ? 7.985   3.194   -2.835  1.00 33.30 ? 16  DG  B "O4'" 1 
ATOM   319 C "C3'" . DG  B 1 4  ? 9.492   4.560   -1.587  1.00 34.03 ? 16  DG  B "C3'" 1 
ATOM   320 O "O3'" . DG  B 1 4  ? 9.405   5.887   -2.060  1.00 38.06 ? 16  DG  B "O3'" 1 
ATOM   321 C "C2'" . DG  B 1 4  ? 8.282   4.175   -0.735  1.00 31.52 ? 16  DG  B "C2'" 1 
ATOM   322 C "C1'" . DG  B 1 4  ? 7.247   3.784   -1.788  1.00 28.83 ? 16  DG  B "C1'" 1 
ATOM   323 N N9    . DG  B 1 4  ? 6.293   2.782   -1.313  1.00 24.99 ? 16  DG  B N9    1 
ATOM   324 C C8    . DG  B 1 4  ? 6.602   1.548   -0.797  1.00 23.75 ? 16  DG  B C8    1 
ATOM   325 N N7    . DG  B 1 4  ? 5.548   0.841   -0.495  1.00 23.98 ? 16  DG  B N7    1 
ATOM   326 C C5    . DG  B 1 4  ? 4.479   1.635   -0.880  1.00 21.54 ? 16  DG  B C5    1 
ATOM   327 C C6    . DG  B 1 4  ? 3.083   1.396   -0.800  1.00 19.00 ? 16  DG  B C6    1 
ATOM   328 O O6    . DG  B 1 4  ? 2.498   0.384   -0.388  1.00 17.70 ? 16  DG  B O6    1 
ATOM   329 N N1    . DG  B 1 4  ? 2.353   2.462   -1.307  1.00 20.25 ? 16  DG  B N1    1 
ATOM   330 C C2    . DG  B 1 4  ? 2.895   3.627   -1.796  1.00 18.99 ? 16  DG  B C2    1 
ATOM   331 N N2    . DG  B 1 4  ? 2.029   4.560   -2.213  1.00 20.57 ? 16  DG  B N2    1 
ATOM   332 N N3    . DG  B 1 4  ? 4.189   3.861   -1.873  1.00 22.73 ? 16  DG  B N3    1 
ATOM   333 C C4    . DG  B 1 4  ? 4.920   2.829   -1.406  1.00 21.51 ? 16  DG  B C4    1 
ATOM   334 P P     . DG  B 1 5  ? 9.779   7.120   -1.116  1.00 37.04 ? 17  DG  B P     1 
ATOM   335 O OP1   . DG  B 1 5  ? 10.458  8.124   -1.984  1.00 38.38 ? 17  DG  B OP1   1 
ATOM   336 O OP2   . DG  B 1 5  ? 10.406  6.632   0.131   1.00 36.25 ? 17  DG  B OP2   1 
ATOM   337 O "O5'" . DG  B 1 5  ? 8.350   7.649   -0.662  1.00 34.35 ? 17  DG  B "O5'" 1 
ATOM   338 C "C5'" . DG  B 1 5  ? 7.616   8.522   -1.513  1.00 30.78 ? 17  DG  B "C5'" 1 
ATOM   339 C "C4'" . DG  B 1 5  ? 6.334   8.922   -0.829  1.00 28.98 ? 17  DG  B "C4'" 1 
ATOM   340 O "O4'" . DG  B 1 5  ? 5.489   7.750   -0.645  1.00 27.13 ? 17  DG  B "O4'" 1 
ATOM   341 C "C3'" . DG  B 1 5  ? 6.477   9.578   0.545   1.00 28.81 ? 17  DG  B "C3'" 1 
ATOM   342 O "O3'" . DG  B 1 5  ? 5.602   10.688  0.643   1.00 31.42 ? 17  DG  B "O3'" 1 
ATOM   343 C "C2'" . DG  B 1 5  ? 5.855   8.554   1.509   1.00 26.60 ? 17  DG  B "C2'" 1 
ATOM   344 C "C1'" . DG  B 1 5  ? 4.846   7.851   0.607   1.00 24.76 ? 17  DG  B "C1'" 1 
ATOM   345 N N9    . DG  B 1 5  ? 4.512   6.499   1.027   1.00 20.69 ? 17  DG  B N9    1 
ATOM   346 C C8    . DG  B 1 5  ? 5.388   5.499   1.356   1.00 21.25 ? 17  DG  B C8    1 
ATOM   347 N N7    . DG  B 1 5  ? 4.796   4.378   1.661   1.00 21.64 ? 17  DG  B N7    1 
ATOM   348 C C5    . DG  B 1 5  ? 3.447   4.653   1.505   1.00 19.23 ? 17  DG  B C5    1 
ATOM   349 C C6    . DG  B 1 5  ? 2.326   3.811   1.646   1.00 18.63 ? 17  DG  B C6    1 
ATOM   350 O O6    . DG  B 1 5  ? 2.298   2.625   2.001   1.00 20.91 ? 17  DG  B O6    1 
ATOM   351 N N1    . DG  B 1 5  ? 1.139   4.485   1.367   1.00 19.53 ? 17  DG  B N1    1 
ATOM   352 C C2    . DG  B 1 5  ? 1.052   5.813   1.004   1.00 21.06 ? 17  DG  B C2    1 
ATOM   353 N N2    . DG  B 1 5  ? -0.174  6.293   0.757   1.00 20.92 ? 17  DG  B N2    1 
ATOM   354 N N3    . DG  B 1 5  ? 2.101   6.597   0.841   1.00 20.49 ? 17  DG  B N3    1 
ATOM   355 C C4    . DG  B 1 5  ? 3.258   5.951   1.086   1.00 20.26 ? 17  DG  B C4    1 
ATOM   356 P P     . DT  B 1 6  ? 6.082   12.187  0.354   1.00 40.77 ? 18  DT  B P     1 
ATOM   357 O OP1   . DT  B 1 6  ? 7.262   12.459  1.206   1.00 38.33 ? 18  DT  B OP1   1 
ATOM   358 O OP2   . DT  B 1 6  ? 4.841   13.039  0.511   1.00 36.44 ? 18  DT  B OP2   1 
ATOM   359 O "O5'" . DT  B 1 6  ? 6.513   12.133  -1.208  1.00 36.51 ? 18  DT  B "O5'" 1 
ATOM   360 C "C5'" . DT  B 1 6  ? 7.809   12.462  -1.727  1.00 38.02 ? 18  DT  B "C5'" 1 
ATOM   361 C "C4'" . DT  B 1 6  ? 7.796   12.349  -3.247  1.00 34.89 ? 18  DT  B "C4'" 1 
ATOM   362 O "O4'" . DT  B 1 6  ? 7.639   10.985  -3.696  1.00 37.95 ? 18  DT  B "O4'" 1 
ATOM   363 C "C3'" . DT  B 1 6  ? 6.633   13.095  -3.824  1.00 34.49 ? 18  DT  B "C3'" 1 
ATOM   364 O "O3'" . DT  B 1 6  ? 7.030   14.391  -4.313  1.00 38.26 ? 18  DT  B "O3'" 1 
ATOM   365 C "C2'" . DT  B 1 6  ? 6.105   12.246  -4.971  1.00 34.36 ? 18  DT  B "C2'" 1 
ATOM   366 C "C1'" . DT  B 1 6  ? 6.610   10.849  -4.695  1.00 36.97 ? 18  DT  B "C1'" 1 
ATOM   367 N N1    . DT  B 1 6  ? 5.522   9.977   -4.189  1.00 34.98 ? 18  DT  B N1    1 
ATOM   368 C C2    . DT  B 1 6  ? 5.589   8.583   -4.420  1.00 38.21 ? 18  DT  B C2    1 
ATOM   369 O O2    . DT  B 1 6  ? 6.554   8.144   -5.113  1.00 36.48 ? 18  DT  B O2    1 
ATOM   370 N N3    . DT  B 1 6  ? 4.627   7.742   -3.954  1.00 31.39 ? 18  DT  B N3    1 
ATOM   371 C C4    . DT  B 1 6  ? 3.600   8.222   -3.224  1.00 31.82 ? 18  DT  B C4    1 
ATOM   372 O O4    . DT  B 1 6  ? 2.695   7.487   -2.766  1.00 29.46 ? 18  DT  B O4    1 
ATOM   373 C C5    . DT  B 1 6  ? 3.528   9.664   -2.943  1.00 32.69 ? 18  DT  B C5    1 
ATOM   374 C C7    . DT  B 1 6  ? 2.388   10.232  -2.129  1.00 38.24 ? 18  DT  B C7    1 
ATOM   375 C C6    . DT  B 1 6  ? 4.519   10.500  -3.457  1.00 35.73 ? 18  DT  B C6    1 
ATOM   376 P P     . DT  B 1 7  ? 5.986   15.609  -4.286  1.00 41.05 ? 19  DT  B P     1 
ATOM   377 O OP1   . DT  B 1 7  ? 6.740   16.863  -4.707  1.00 43.07 ? 19  DT  B OP1   1 
ATOM   378 O OP2   . DT  B 1 7  ? 5.272   15.594  -2.928  1.00 39.95 ? 19  DT  B OP2   1 
ATOM   379 O "O5'" . DT  B 1 7  ? 4.949   15.216  -5.427  1.00 34.22 ? 19  DT  B "O5'" 1 
ATOM   380 C "C5'" . DT  B 1 7  ? 3.696   15.886  -5.563  1.00 34.94 ? 19  DT  B "C5'" 1 
ATOM   381 C "C4'" . DT  B 1 7  ? 3.415   15.980  -7.048  1.00 33.64 ? 19  DT  B "C4'" 1 
ATOM   382 O "O4'" . DT  B 1 7  ? 4.387   16.840  -7.667  1.00 33.83 ? 19  DT  B "O4'" 1 
ATOM   383 C "C3'" . DT  B 1 7  ? 3.475   14.624  -7.771  1.00 34.91 ? 19  DT  B "C3'" 1 
ATOM   384 O "O3'" . DT  B 1 7  ? 2.353   14.630  -8.663  1.00 38.39 ? 19  DT  B "O3'" 1 
ATOM   385 C "C2'" . DT  B 1 7  ? 4.791   14.698  -8.544  1.00 31.85 ? 19  DT  B "C2'" 1 
ATOM   386 C "C1'" . DT  B 1 7  ? 4.921   16.194  -8.827  1.00 31.79 ? 19  DT  B "C1'" 1 
ATOM   387 N N1    . DT  B 1 7  ? 6.318   16.591  -9.061  1.00 28.99 ? 19  DT  B N1    1 
ATOM   388 C C2    . DT  B 1 7  ? 6.682   17.032  -10.346 1.00 27.86 ? 19  DT  B C2    1 
ATOM   389 O O2    . DT  B 1 7  ? 5.823   17.083  -11.254 1.00 27.79 ? 19  DT  B O2    1 
ATOM   390 N N3    . DT  B 1 7  ? 7.933   17.409  -10.622 1.00 27.63 ? 19  DT  B N3    1 
ATOM   391 C C4    . DT  B 1 7  ? 8.851   17.397  -9.657  1.00 28.74 ? 19  DT  B C4    1 
ATOM   392 O O4    . DT  B 1 7  ? 10.023  17.721  -9.884  1.00 30.58 ? 19  DT  B O4    1 
ATOM   393 C C5    . DT  B 1 7  ? 8.507   16.942  -8.285  1.00 29.43 ? 19  DT  B C5    1 
ATOM   394 C C7    . DT  B 1 7  ? 9.564   16.931  -7.211  1.00 30.07 ? 19  DT  B C7    1 
ATOM   395 C C6    . DT  B 1 7  ? 7.206   16.558  -8.056  1.00 28.86 ? 19  DT  B C6    1 
ATOM   396 P P     . DA  B 1 8  ? 1.772   13.271  -9.287  1.00 42.90 ? 20  DA  B P     1 
ATOM   397 O OP1   . DA  B 1 8  ? 0.756   13.646  -10.306 1.00 46.99 ? 20  DA  B OP1   1 
ATOM   398 O OP2   . DA  B 1 8  ? 1.390   12.373  -8.166  1.00 43.05 ? 20  DA  B OP2   1 
ATOM   399 O "O5'" . DA  B 1 8  ? 3.017   12.686  -10.093 1.00 42.31 ? 20  DA  B "O5'" 1 
ATOM   400 C "C5'" . DA  B 1 8  ? 3.554   11.370  -9.865  1.00 35.85 ? 20  DA  B "C5'" 1 
ATOM   401 C "C4'" . DA  B 1 8  ? 3.603   10.603  -11.164 1.00 33.10 ? 20  DA  B "C4'" 1 
ATOM   402 O "O4'" . DA  B 1 8  ? 4.459   11.274  -12.112 1.00 29.94 ? 20  DA  B "O4'" 1 
ATOM   403 C "C3'" . DA  B 1 8  ? 4.196   9.200   -11.067 1.00 32.58 ? 20  DA  B "C3'" 1 
ATOM   404 O "O3'" . DA  B 1 8  ? 3.069   8.364   -10.863 1.00 38.55 ? 20  DA  B "O3'" 1 
ATOM   405 C "C2'" . DA  B 1 8  ? 4.830   8.952   -12.445 1.00 29.09 ? 20  DA  B "C2'" 1 
ATOM   406 C "C1'" . DA  B 1 8  ? 4.878   10.346  -13.079 1.00 26.46 ? 20  DA  B "C1'" 1 
ATOM   407 N N9    . DA  B 1 8  ? 6.215   10.755  -13.514 1.00 24.50 ? 20  DA  B N9    1 
ATOM   408 C C8    . DA  B 1 8  ? 6.546   11.289  -14.737 1.00 25.27 ? 20  DA  B C8    1 
ATOM   409 N N7    . DA  B 1 8  ? 7.809   11.620  -14.843 1.00 23.82 ? 20  DA  B N7    1 
ATOM   410 C C5    . DA  B 1 8  ? 8.330   11.355  -13.587 1.00 24.80 ? 20  DA  B C5    1 
ATOM   411 C C6    . DA  B 1 8  ? 9.626   11.475  -13.064 1.00 24.60 ? 20  DA  B C6    1 
ATOM   412 N N6    . DA  B 1 8  ? 10.653  11.982  -13.753 1.00 24.30 ? 20  DA  B N6    1 
ATOM   413 N N1    . DA  B 1 8  ? 9.821   11.104  -11.780 1.00 25.43 ? 20  DA  B N1    1 
ATOM   414 C C2    . DA  B 1 8  ? 8.782   10.602  -11.091 1.00 24.69 ? 20  DA  B C2    1 
ATOM   415 N N3    . DA  B 1 8  ? 7.518   10.432  -11.478 1.00 25.15 ? 20  DA  B N3    1 
ATOM   416 C C4    . DA  B 1 8  ? 7.361   10.815  -12.758 1.00 25.29 ? 20  DA  B C4    1 
ATOM   417 P P     . DG  B 1 9  ? 3.233   6.763   -10.781 1.00 44.83 ? 21  DG  B P     1 
ATOM   418 O OP1   . DG  B 1 9  ? 4.615   6.459   -10.364 1.00 38.87 ? 21  DG  B OP1   1 
ATOM   419 O OP2   . DG  B 1 9  ? 2.615   6.152   -11.999 1.00 40.55 ? 21  DG  B OP2   1 
ATOM   420 O "O5'" . DG  B 1 9  ? 2.355   6.363   -9.517  1.00 41.81 ? 21  DG  B "O5'" 1 
ATOM   421 C "C5'" . DG  B 1 9  ? 2.332   7.150   -8.335  1.00 36.51 ? 21  DG  B "C5'" 1 
ATOM   422 C "C4'" . DG  B 1 9  ? 0.924   7.092   -7.823  1.00 33.36 ? 21  DG  B "C4'" 1 
ATOM   423 O "O4'" . DG  B 1 9  ? 0.546   5.708   -7.562  1.00 32.32 ? 21  DG  B "O4'" 1 
ATOM   424 C "C3'" . DG  B 1 9  ? 0.656   7.871   -6.552  1.00 35.46 ? 21  DG  B "C3'" 1 
ATOM   425 O "O3'" . DG  B 1 9  ? -0.625  8.433   -6.804  1.00 35.77 ? 21  DG  B "O3'" 1 
ATOM   426 C "C2'" . DG  B 1 9  ? 0.647   6.778   -5.482  1.00 31.23 ? 21  DG  B "C2'" 1 
ATOM   427 C "C1'" . DG  B 1 9  ? 0.034   5.608   -6.246  1.00 28.27 ? 21  DG  B "C1'" 1 
ATOM   428 N N9    . DG  B 1 9  ? 0.459   4.329   -5.696  1.00 22.95 ? 21  DG  B N9    1 
ATOM   429 C C8    . DG  B 1 9  ? 1.758   3.929   -5.504  1.00 21.66 ? 21  DG  B C8    1 
ATOM   430 N N7    . DG  B 1 9  ? 1.853   2.740   -4.981  1.00 22.54 ? 21  DG  B N7    1 
ATOM   431 C C5    . DG  B 1 9  ? 0.541   2.330   -4.813  1.00 20.19 ? 21  DG  B C5    1 
ATOM   432 C C6    . DG  B 1 9  ? 0.023   1.119   -4.298  1.00 20.04 ? 21  DG  B C6    1 
ATOM   433 O O6    . DG  B 1 9  ? 0.641   0.148   -3.855  1.00 19.36 ? 21  DG  B O6    1 
ATOM   434 N N1    . DG  B 1 9  ? -1.367  1.120   -4.289  1.00 20.34 ? 21  DG  B N1    1 
ATOM   435 C C2    . DG  B 1 9  ? -2.159  2.144   -4.741  1.00 20.40 ? 21  DG  B C2    1 
ATOM   436 N N2    . DG  B 1 9  ? -3.488  1.954   -4.645  1.00 22.71 ? 21  DG  B N2    1 
ATOM   437 N N3    . DG  B 1 9  ? -1.687  3.280   -5.237  1.00 21.01 ? 21  DG  B N3    1 
ATOM   438 C C4    . DG  B 1 9  ? -0.335  3.293   -5.260  1.00 20.58 ? 21  DG  B C4    1 
ATOM   439 P P     . DG  B 1 10 ? -1.308  9.373   -5.737  1.00 37.04 ? 22  DG  B P     1 
ATOM   440 O OP1   . DG  B 1 10 ? -2.159  10.342  -6.475  1.00 39.64 ? 22  DG  B OP1   1 
ATOM   441 O OP2   . DG  B 1 10 ? -0.268  9.872   -4.795  1.00 39.70 ? 22  DG  B OP2   1 
ATOM   442 O "O5'" . DG  B 1 10 ? -2.314  8.390   -4.974  1.00 33.67 ? 22  DG  B "O5'" 1 
ATOM   443 C "C5'" . DG  B 1 10 ? -3.517  7.895   -5.614  1.00 29.42 ? 22  DG  B "C5'" 1 
ATOM   444 C "C4'" . DG  B 1 10 ? -4.487  7.379   -4.568  1.00 30.30 ? 22  DG  B "C4'" 1 
ATOM   445 O "O4'" . DG  B 1 10 ? -4.056  6.076   -4.081  1.00 29.08 ? 22  DG  B "O4'" 1 
ATOM   446 C "C3'" . DG  B 1 10 ? -4.665  8.258   -3.335  1.00 31.41 ? 22  DG  B "C3'" 1 
ATOM   447 O "O3'" . DG  B 1 10 ? -6.054  8.283   -3.045  1.00 36.03 ? 22  DG  B "O3'" 1 
ATOM   448 C "C2'" . DG  B 1 10 ? -3.850  7.531   -2.261  1.00 28.02 ? 22  DG  B "C2'" 1 
ATOM   449 C "C1'" . DG  B 1 10 ? -4.036  6.071   -2.663  1.00 24.64 ? 22  DG  B "C1'" 1 
ATOM   450 N N9    . DG  B 1 10 ? -2.930  5.198   -2.275  1.00 21.03 ? 22  DG  B N9    1 
ATOM   451 C C8    . DG  B 1 10 ? -1.605  5.395   -2.556  1.00 20.64 ? 22  DG  B C8    1 
ATOM   452 N N7    . DG  B 1 10 ? -0.843  4.421   -2.142  1.00 21.07 ? 22  DG  B N7    1 
ATOM   453 C C5    . DG  B 1 10 ? -1.725  3.503   -1.598  1.00 18.39 ? 22  DG  B C5    1 
ATOM   454 C C6    . DG  B 1 10 ? -1.480  2.244   -1.021  1.00 18.34 ? 22  DG  B C6    1 
ATOM   455 O O6    . DG  B 1 10 ? -0.405  1.660   -0.895  1.00 16.14 ? 22  DG  B O6    1 
ATOM   456 N N1    . DG  B 1 10 ? -2.654  1.649   -0.569  1.00 18.55 ? 22  DG  B N1    1 
ATOM   457 C C2    . DG  B 1 10 ? -3.909  2.204   -0.676  1.00 20.28 ? 22  DG  B C2    1 
ATOM   458 N N2    . DG  B 1 10 ? -4.923  1.488   -0.167  1.00 21.43 ? 22  DG  B N2    1 
ATOM   459 N N3    . DG  B 1 10 ? -4.154  3.365   -1.252  1.00 20.77 ? 22  DG  B N3    1 
ATOM   460 C C4    . DG  B 1 10 ? -3.023  3.954   -1.695  1.00 19.78 ? 22  DG  B C4    1 
ATOM   461 P P     . DG  B 1 11 ? -6.614  9.143   -1.813  1.00 41.18 ? 23  DG  B P     1 
ATOM   462 O OP1   . DG  B 1 11 ? -7.938  9.699   -2.209  1.00 43.27 ? 23  DG  B OP1   1 
ATOM   463 O OP2   . DG  B 1 11 ? -5.534  10.075  -1.351  1.00 39.16 ? 23  DG  B OP2   1 
ATOM   464 O "O5'" . DG  B 1 11 ? -6.845  8.055   -0.670  1.00 38.67 ? 23  DG  B "O5'" 1 
ATOM   465 C "C5'" . DG  B 1 11 ? -7.837  7.019   -0.790  1.00 33.02 ? 23  DG  B "C5'" 1 
ATOM   466 C "C4'" . DG  B 1 11 ? -7.925  6.250   0.505   1.00 33.33 ? 23  DG  B "C4'" 1 
ATOM   467 O "O4'" . DG  B 1 11 ? -6.788  5.360   0.628   1.00 29.16 ? 23  DG  B "O4'" 1 
ATOM   468 C "C3'" . DG  B 1 11 ? -7.959  7.065   1.797   1.00 32.92 ? 23  DG  B "C3'" 1 
ATOM   469 O "O3'" . DG  B 1 11 ? -8.888  6.383   2.623   1.00 38.23 ? 23  DG  B "O3'" 1 
ATOM   470 C "C2'" . DG  B 1 11 ? -6.571  6.837   2.402   1.00 28.95 ? 23  DG  B "C2'" 1 
ATOM   471 C "C1'" . DG  B 1 11 ? -6.292  5.410   1.947   1.00 27.22 ? 23  DG  B "C1'" 1 
ATOM   472 N N9    . DG  B 1 11 ? -4.878  5.049   1.901   1.00 22.18 ? 23  DG  B N9    1 
ATOM   473 C C8    . DG  B 1 11 ? -3.885  5.724   1.235   1.00 21.57 ? 23  DG  B C8    1 
ATOM   474 N N7    . DG  B 1 11 ? -2.726  5.126   1.304   1.00 20.51 ? 23  DG  B N7    1 
ATOM   475 C C5    . DG  B 1 11 ? -2.984  3.964   2.013   1.00 19.80 ? 23  DG  B C5    1 
ATOM   476 C C6    . DG  B 1 11 ? -2.120  2.918   2.386   1.00 17.00 ? 23  DG  B C6    1 
ATOM   477 O O6    . DG  B 1 11 ? -0.916  2.827   2.191   1.00 18.82 ? 23  DG  B O6    1 
ATOM   478 N N1    . DG  B 1 11 ? -2.779  1.951   3.140   1.00 20.45 ? 23  DG  B N1    1 
ATOM   479 C C2    . DG  B 1 11 ? -4.118  1.958   3.440   1.00 20.96 ? 23  DG  B C2    1 
ATOM   480 N N2    . DG  B 1 11 ? -4.574  0.915   4.162   1.00 20.47 ? 23  DG  B N2    1 
ATOM   481 N N3    . DG  B 1 11 ? -4.944  2.929   3.081   1.00 21.91 ? 23  DG  B N3    1 
ATOM   482 C C4    . DG  B 1 11 ? -4.310  3.899   2.382   1.00 20.39 ? 23  DG  B C4    1 
ATOM   483 P P     . DT  B 1 12 ? -10.377 6.927   2.787   1.00 40.00 ? 24  DT  B P     1 
ATOM   484 O OP1   . DT  B 1 12 ? -11.038 6.048   3.833   1.00 39.41 ? 24  DT  B OP1   1 
ATOM   485 O OP2   . DT  B 1 12 ? -11.003 7.036   1.423   1.00 36.08 ? 24  DT  B OP2   1 
ATOM   486 O "O5'" . DT  B 1 12 ? -10.105 8.432   3.297   1.00 37.30 ? 24  DT  B "O5'" 1 
ATOM   487 C "C5'" . DT  B 1 12 ? -9.426  8.647   4.539   1.00 39.69 ? 24  DT  B "C5'" 1 
ATOM   488 C "C4'" . DT  B 1 12 ? -10.371 9.285   5.563   1.00 40.89 ? 24  DT  B "C4'" 1 
ATOM   489 O "O4'" . DT  B 1 12 ? -10.731 10.598  5.144   1.00 43.80 ? 24  DT  B "O4'" 1 
ATOM   490 C "C3'" . DT  B 1 12 ? -11.697 8.558   5.701   1.00 39.35 ? 24  DT  B "C3'" 1 
ATOM   491 O "O3'" . DT  B 1 12 ? -12.044 8.664   7.085   1.00 41.95 ? 24  DT  B "O3'" 1 
ATOM   492 C "C2'" . DT  B 1 12 ? -12.705 9.336   4.853   1.00 37.59 ? 24  DT  B "C2'" 1 
ATOM   493 C "C1'" . DT  B 1 12 ? -12.153 10.742  4.976   1.00 34.95 ? 24  DT  B "C1'" 1 
ATOM   494 N N1    . DT  B 1 12 ? -12.263 11.707  3.875   1.00 30.54 ? 24  DT  B N1    1 
ATOM   495 C C2    . DT  B 1 12 ? -13.082 12.826  4.072   1.00 31.83 ? 24  DT  B C2    1 
ATOM   496 O O2    . DT  B 1 12 ? -13.724 12.875  5.140   1.00 30.19 ? 24  DT  B O2    1 
ATOM   497 N N3    . DT  B 1 12 ? -13.178 13.794  3.150   1.00 28.18 ? 24  DT  B N3    1 
ATOM   498 C C4    . DT  B 1 12 ? -12.511 13.731  1.976   1.00 31.54 ? 24  DT  B C4    1 
ATOM   499 O O4    . DT  B 1 12 ? -12.613 14.643  1.109   1.00 33.20 ? 24  DT  B O4    1 
ATOM   500 C C5    . DT  B 1 12 ? -11.641 12.560  1.744   1.00 32.90 ? 24  DT  B C5    1 
ATOM   501 C C7    . DT  B 1 12 ? -10.835 12.430  0.471   1.00 34.17 ? 24  DT  B C7    1 
ATOM   502 C C6    . DT  B 1 12 ? -11.542 11.599  2.743   1.00 32.68 ? 24  DT  B C6    1 
HETATM 503 K K     . K   C 2 .  ? 0.582   0.641   1.688   1.00 18.25 ? 101 K   A K     1 
HETATM 504 K K     . K   D 2 .  ? 0.255   -1.082  -1.466  1.00 18.05 ? 102 K   A K     1 
HETATM 505 C C36   . KPT E 3 .  ? 0.623   -2.524  9.060   1.00 19.46 ? 103 KPT A C36   1 
HETATM 506 O O4    . KPT E 3 .  ? -0.802  -2.368  9.214   1.00 23.48 ? 103 KPT A O4    1 
HETATM 507 O O3    . KPT E 3 .  ? 1.032   -1.396  8.225   1.00 20.67 ? 103 KPT A O3    1 
HETATM 508 C C18   . KPT E 3 .  ? -0.062  -0.623  7.987   1.00 20.21 ? 103 KPT A C18   1 
HETATM 509 C C13   . KPT E 3 .  ? -0.190  0.593   7.294   1.00 18.14 ? 103 KPT A C13   1 
HETATM 510 C C14   . KPT E 3 .  ? 0.864   1.220   6.664   1.00 18.34 ? 103 KPT A C14   1 
HETATM 511 C C17   . KPT E 3 .  ? -1.154  -1.189  8.591   1.00 21.16 ? 103 KPT A C17   1 
HETATM 512 C C16   . KPT E 3 .  ? -2.417  -0.621  8.550   1.00 20.56 ? 103 KPT A C16   1 
HETATM 513 C C15   . KPT E 3 .  ? -2.606  0.576   7.852   1.00 18.27 ? 103 KPT A C15   1 
HETATM 514 C C12   . KPT E 3 .  ? -1.482  1.175   7.236   1.00 17.45 ? 103 KPT A C12   1 
HETATM 515 C C11   . KPT E 3 .  ? -1.651  2.367   6.554   1.00 18.33 ? 103 KPT A C11   1 
HETATM 516 C C10   . KPT E 3 .  ? -0.567  2.998   5.918   1.00 19.34 ? 103 KPT A C10   1 
HETATM 517 N N     . KPT E 3 .  ? 0.653   2.403   5.997   1.00 20.17 ? 103 KPT A N     1 
HETATM 518 C C9    . KPT E 3 .  ? 1.815   2.988   5.328   1.00 19.61 ? 103 KPT A C9    1 
HETATM 519 C C8    . KPT E 3 .  ? 1.832   4.506   5.158   1.00 20.39 ? 103 KPT A C8    1 
HETATM 520 C C6    . KPT E 3 .  ? -0.696  4.246   5.288   1.00 18.18 ? 103 KPT A C6    1 
HETATM 521 C C5    . KPT E 3 .  ? 0.434   5.017   4.932   1.00 17.83 ? 103 KPT A C5    1 
HETATM 522 C C4    . KPT E 3 .  ? 0.392   6.291   4.364   1.00 22.74 ? 103 KPT A C4    1 
HETATM 523 C C7    . KPT E 3 .  ? -1.955  4.826   5.112   1.00 19.88 ? 103 KPT A C7    1 
HETATM 524 C C3    . KPT E 3 .  ? -1.968  6.096   4.529   1.00 21.70 ? 103 KPT A C3    1 
HETATM 525 C C2    . KPT E 3 .  ? -0.870  6.775   4.163   1.00 22.18 ? 103 KPT A C2    1 
HETATM 526 O O2    . KPT E 3 .  ? -1.226  7.970   3.626   1.00 25.66 ? 103 KPT A O2    1 
HETATM 527 O O1    . KPT E 3 .  ? -3.080  6.817   4.230   1.00 24.39 ? 103 KPT A O1    1 
HETATM 528 C C1    . KPT E 3 .  ? -2.619  8.083   3.740   1.00 22.22 ? 103 KPT A C1    1 
HETATM 529 O O     . HOH F 4 .  ? -10.834 -1.821  6.239   1.00 44.42 ? 201 HOH A O     1 
HETATM 530 O O     . HOH F 4 .  ? -8.730  -7.288  11.364  1.00 34.26 ? 202 HOH A O     1 
HETATM 531 O O     . HOH F 4 .  ? 11.026  1.326   5.988   1.00 25.83 ? 203 HOH A O     1 
HETATM 532 O O     . HOH F 4 .  ? 13.248  0.894   5.043   1.00 44.62 ? 204 HOH A O     1 
HETATM 533 O O     . HOH F 4 .  ? -7.411  -5.029  -1.932  1.00 29.62 ? 205 HOH A O     1 
HETATM 534 O O     . HOH F 4 .  ? 5.345   -5.002  7.780   1.00 37.82 ? 206 HOH A O     1 
HETATM 535 O O     . HOH F 4 .  ? -6.113  -6.915  0.567   1.00 35.93 ? 207 HOH A O     1 
HETATM 536 O O     . HOH F 4 .  ? -2.675  -6.829  4.497   1.00 29.60 ? 208 HOH A O     1 
HETATM 537 O O     . HOH F 4 .  ? -4.846  -9.362  6.456   1.00 35.68 ? 209 HOH A O     1 
HETATM 538 O O     . HOH G 4 .  ? -14.377 8.696   7.656   1.00 37.63 ? 101 HOH B O     1 
HETATM 539 O O     . HOH G 4 .  ? 8.903   5.858   2.096   1.00 37.24 ? 102 HOH B O     1 
HETATM 540 O O     . HOH G 4 .  ? -10.908 9.405   0.319   1.00 44.75 ? 103 HOH B O     1 
HETATM 541 O O     . HOH G 4 .  ? 10.860  10.640  -1.161  1.00 49.24 ? 104 HOH B O     1 
HETATM 542 O O     . HOH G 4 .  ? 5.516   -11.846 -6.415  1.00 31.61 ? 105 HOH B O     1 
HETATM 543 O O     . HOH G 4 .  ? -6.039  -7.859  -2.213  1.00 37.79 ? 106 HOH B O     1 
HETATM 544 O O     . HOH G 4 .  ? 9.035   -2.618  -6.545  1.00 32.10 ? 107 HOH B O     1 
HETATM 545 O O     . HOH G 4 .  ? -15.573 11.085  6.271   1.00 35.81 ? 108 HOH B O     1 
HETATM 546 O O     . HOH G 4 .  ? 9.987   -5.820  -6.694  1.00 31.18 ? 109 HOH B O     1 
HETATM 547 O O     . HOH G 4 .  ? 1.389   9.264   1.785   1.00 32.07 ? 110 HOH B O     1 
HETATM 548 O O     . HOH G 4 .  ? 4.970   9.900   -7.159  1.00 46.85 ? 111 HOH B O     1 
HETATM 549 O O     . HOH G 4 .  ? 7.852   0.447   -5.453  1.00 32.56 ? 112 HOH B O     1 
HETATM 550 O O     . HOH G 4 .  ? 6.573   3.268   -5.519  1.00 39.03 ? 113 HOH B O     1 
HETATM 551 O O     . HOH G 4 .  ? -3.800  9.314   0.747   1.00 36.93 ? 114 HOH B O     1 
HETATM 552 O O     . HOH G 4 .  ? -5.200  4.055   -5.708  1.00 38.97 ? 115 HOH B O     1 
HETATM 553 O O     . HOH G 4 .  ? 2.751   10.782  -6.265  1.00 43.31 ? 116 HOH B O     1 
HETATM 554 O O     . HOH G 4 .  ? 4.764   5.090   -4.411  1.00 32.26 ? 117 HOH B O     1 
HETATM 555 O O     . HOH G 4 .  ? -0.013  8.193   -2.428  1.00 37.09 ? 118 HOH B O     1 
HETATM 556 O O     . HOH G 4 .  ? -0.926  9.191   -0.134  1.00 32.58 ? 119 HOH B O     1 
# 
loop_
_pdbx_poly_seq_scheme.asym_id 
_pdbx_poly_seq_scheme.entity_id 
_pdbx_poly_seq_scheme.seq_id 
_pdbx_poly_seq_scheme.mon_id 
_pdbx_poly_seq_scheme.ndb_seq_num 
_pdbx_poly_seq_scheme.pdb_seq_num 
_pdbx_poly_seq_scheme.auth_seq_num 
_pdbx_poly_seq_scheme.pdb_mon_id 
_pdbx_poly_seq_scheme.auth_mon_id 
_pdbx_poly_seq_scheme.pdb_strand_id 
_pdbx_poly_seq_scheme.pdb_ins_code 
_pdbx_poly_seq_scheme.hetero 
A 1 1  DT 1  1  1  DT T A . n 
A 1 2  DA 2  2  2  DA A A . n 
A 1 3  DG 3  3  3  DG G A . n 
A 1 4  DG 4  4  4  DG G A . n 
A 1 5  DG 5  5  5  DG G A . n 
A 1 6  DT 6  6  6  DT T A . n 
A 1 7  DT 7  7  7  DT T A . n 
A 1 8  DA 8  8  8  DA A A . n 
A 1 9  DG 9  9  9  DG G A . n 
A 1 10 DG 10 10 10 DG G A . n 
A 1 11 DG 11 11 11 DG G A . n 
A 1 12 DT 12 12 12 DT T A . n 
B 1 1  DT 1  13 13 DT T B . n 
B 1 2  DA 2  14 14 DA A B . n 
B 1 3  DG 3  15 15 DG G B . n 
B 1 4  DG 4  16 16 DG G B . n 
B 1 5  DG 5  17 17 DG G B . n 
B 1 6  DT 6  18 18 DT T B . n 
B 1 7  DT 7  19 19 DT T B . n 
B 1 8  DA 8  20 20 DA A B . n 
B 1 9  DG 9  21 21 DG G B . n 
B 1 10 DG 10 22 22 DG G B . n 
B 1 11 DG 11 23 23 DG G B . n 
B 1 12 DT 12 24 24 DT T B . n 
# 
loop_
_pdbx_nonpoly_scheme.asym_id 
_pdbx_nonpoly_scheme.entity_id 
_pdbx_nonpoly_scheme.mon_id 
_pdbx_nonpoly_scheme.ndb_seq_num 
_pdbx_nonpoly_scheme.pdb_seq_num 
_pdbx_nonpoly_scheme.auth_seq_num 
_pdbx_nonpoly_scheme.pdb_mon_id 
_pdbx_nonpoly_scheme.auth_mon_id 
_pdbx_nonpoly_scheme.pdb_strand_id 
_pdbx_nonpoly_scheme.pdb_ins_code 
C 2 K   1  101 1  K   K   A . 
D 2 K   1  102 1  K   K   A . 
E 3 KPT 1  103 1  KPT KPT A . 
F 4 HOH 1  201 15 HOH HOH A . 
F 4 HOH 2  202 28 HOH HOH A . 
F 4 HOH 3  203 17 HOH HOH A . 
F 4 HOH 4  204 18 HOH HOH A . 
F 4 HOH 5  205 5  HOH HOH A . 
F 4 HOH 6  206 6  HOH HOH A . 
F 4 HOH 7  207 10 HOH HOH A . 
F 4 HOH 8  208 22 HOH HOH A . 
F 4 HOH 9  209 27 HOH HOH A . 
G 4 HOH 1  101 11 HOH HOH B . 
G 4 HOH 2  102 25 HOH HOH B . 
G 4 HOH 3  103 21 HOH HOH B . 
G 4 HOH 4  104 4  HOH HOH B . 
G 4 HOH 5  105 8  HOH HOH B . 
G 4 HOH 6  106 9  HOH HOH B . 
G 4 HOH 7  107 13 HOH HOH B . 
G 4 HOH 8  108 16 HOH HOH B . 
G 4 HOH 9  109 1  HOH HOH B . 
G 4 HOH 10 110 3  HOH HOH B . 
G 4 HOH 11 111 23 HOH HOH B . 
G 4 HOH 12 112 2  HOH HOH B . 
G 4 HOH 13 113 7  HOH HOH B . 
G 4 HOH 14 114 12 HOH HOH B . 
G 4 HOH 15 115 14 HOH HOH B . 
G 4 HOH 16 116 19 HOH HOH B . 
G 4 HOH 17 117 20 HOH HOH B . 
G 4 HOH 18 118 24 HOH HOH B . 
G 4 HOH 19 119 26 HOH HOH B . 
# 
_pdbx_struct_assembly.id                   1 
_pdbx_struct_assembly.details              author_and_software_defined_assembly 
_pdbx_struct_assembly.method_details       PISA 
_pdbx_struct_assembly.oligomeric_details   dimeric 
_pdbx_struct_assembly.oligomeric_count     2 
# 
_pdbx_struct_assembly_gen.assembly_id       1 
_pdbx_struct_assembly_gen.oper_expression   1 
_pdbx_struct_assembly_gen.asym_id_list      A,B,C,D,E,F,G 
# 
loop_
_pdbx_struct_assembly_prop.biol_id 
_pdbx_struct_assembly_prop.type 
_pdbx_struct_assembly_prop.value 
_pdbx_struct_assembly_prop.details 
1 'ABSA (A^2)' 1930 ? 
1 MORE         -6   ? 
1 'SSA (A^2)'  4460 ? 
# 
_pdbx_struct_oper_list.id                   1 
_pdbx_struct_oper_list.type                 'identity operation' 
_pdbx_struct_oper_list.name                 1_555 
_pdbx_struct_oper_list.symmetry_operation   x,y,z 
_pdbx_struct_oper_list.matrix[1][1]         1.0000000000 
_pdbx_struct_oper_list.matrix[1][2]         0.0000000000 
_pdbx_struct_oper_list.matrix[1][3]         0.0000000000 
_pdbx_struct_oper_list.vector[1]            0.0000000000 
_pdbx_struct_oper_list.matrix[2][1]         0.0000000000 
_pdbx_struct_oper_list.matrix[2][2]         1.0000000000 
_pdbx_struct_oper_list.matrix[2][3]         0.0000000000 
_pdbx_struct_oper_list.vector[2]            0.0000000000 
_pdbx_struct_oper_list.matrix[3][1]         0.0000000000 
_pdbx_struct_oper_list.matrix[3][2]         0.0000000000 
_pdbx_struct_oper_list.matrix[3][3]         1.0000000000 
_pdbx_struct_oper_list.vector[3]            0.0000000000 
# 
loop_
_pdbx_struct_conn_angle.id 
_pdbx_struct_conn_angle.ptnr1_label_atom_id 
_pdbx_struct_conn_angle.ptnr1_label_alt_id 
_pdbx_struct_conn_angle.ptnr1_label_asym_id 
_pdbx_struct_conn_angle.ptnr1_label_comp_id 
_pdbx_struct_conn_angle.ptnr1_label_seq_id 
_pdbx_struct_conn_angle.ptnr1_auth_atom_id 
_pdbx_struct_conn_angle.ptnr1_auth_asym_id 
_pdbx_struct_conn_angle.ptnr1_auth_comp_id 
_pdbx_struct_conn_angle.ptnr1_auth_seq_id 
_pdbx_struct_conn_angle.ptnr1_PDB_ins_code 
_pdbx_struct_conn_angle.ptnr1_symmetry 
_pdbx_struct_conn_angle.ptnr2_label_atom_id 
_pdbx_struct_conn_angle.ptnr2_label_alt_id 
_pdbx_struct_conn_angle.ptnr2_label_asym_id 
_pdbx_struct_conn_angle.ptnr2_label_comp_id 
_pdbx_struct_conn_angle.ptnr2_label_seq_id 
_pdbx_struct_conn_angle.ptnr2_auth_atom_id 
_pdbx_struct_conn_angle.ptnr2_auth_asym_id 
_pdbx_struct_conn_angle.ptnr2_auth_comp_id 
_pdbx_struct_conn_angle.ptnr2_auth_seq_id 
_pdbx_struct_conn_angle.ptnr2_PDB_ins_code 
_pdbx_struct_conn_angle.ptnr2_symmetry 
_pdbx_struct_conn_angle.ptnr3_label_atom_id 
_pdbx_struct_conn_angle.ptnr3_label_alt_id 
_pdbx_struct_conn_angle.ptnr3_label_asym_id 
_pdbx_struct_conn_angle.ptnr3_label_comp_id 
_pdbx_struct_conn_angle.ptnr3_label_seq_id 
_pdbx_struct_conn_angle.ptnr3_auth_atom_id 
_pdbx_struct_conn_angle.ptnr3_auth_asym_id 
_pdbx_struct_conn_angle.ptnr3_auth_comp_id 
_pdbx_struct_conn_angle.ptnr3_auth_seq_id 
_pdbx_struct_conn_angle.ptnr3_PDB_ins_code 
_pdbx_struct_conn_angle.ptnr3_symmetry 
_pdbx_struct_conn_angle.value 
_pdbx_struct_conn_angle.value_esd 
1  O6 ? A DG 3  ? A DG 3  ? 1_555 K ? D K . ? A K 102 ? 1_555 O6 ? A DG 4  ? A DG 4  ? 1_555 74.8  ? 
2  O6 ? A DG 3  ? A DG 3  ? 1_555 K ? D K . ? A K 102 ? 1_555 O6 ? A DG 9  ? A DG 9  ? 1_555 74.5  ? 
3  O6 ? A DG 4  ? A DG 4  ? 1_555 K ? D K . ? A K 102 ? 1_555 O6 ? A DG 9  ? A DG 9  ? 1_555 87.5  ? 
4  O6 ? A DG 3  ? A DG 3  ? 1_555 K ? D K . ? A K 102 ? 1_555 O6 ? A DG 10 ? A DG 10 ? 1_555 133.4 ? 
5  O6 ? A DG 4  ? A DG 4  ? 1_555 K ? D K . ? A K 102 ? 1_555 O6 ? A DG 10 ? A DG 10 ? 1_555 67.9  ? 
6  O6 ? A DG 9  ? A DG 9  ? 1_555 K ? D K . ? A K 102 ? 1_555 O6 ? A DG 10 ? A DG 10 ? 1_555 76.9  ? 
7  O6 ? A DG 3  ? A DG 3  ? 1_555 K ? D K . ? A K 102 ? 1_555 O6 ? B DG 3  ? B DG 15 ? 1_555 119.8 ? 
8  O6 ? A DG 4  ? A DG 4  ? 1_555 K ? D K . ? A K 102 ? 1_555 O6 ? B DG 3  ? B DG 15 ? 1_555 150.0 ? 
9  O6 ? A DG 9  ? A DG 9  ? 1_555 K ? D K . ? A K 102 ? 1_555 O6 ? B DG 3  ? B DG 15 ? 1_555 73.2  ? 
10 O6 ? A DG 10 ? A DG 10 ? 1_555 K ? D K . ? A K 102 ? 1_555 O6 ? B DG 3  ? B DG 15 ? 1_555 85.1  ? 
11 O6 ? A DG 3  ? A DG 3  ? 1_555 K ? D K . ? A K 102 ? 1_555 O6 ? B DG 4  ? B DG 16 ? 1_555 151.0 ? 
12 O6 ? A DG 4  ? A DG 4  ? 1_555 K ? D K . ? A K 102 ? 1_555 O6 ? B DG 4  ? B DG 16 ? 1_555 102.2 ? 
13 O6 ? A DG 9  ? A DG 9  ? 1_555 K ? D K . ? A K 102 ? 1_555 O6 ? B DG 4  ? B DG 16 ? 1_555 134.5 ? 
14 O6 ? A DG 10 ? A DG 10 ? 1_555 K ? D K . ? A K 102 ? 1_555 O6 ? B DG 4  ? B DG 16 ? 1_555 66.6  ? 
15 O6 ? B DG 3  ? B DG 15 ? 1_555 K ? D K . ? A K 102 ? 1_555 O6 ? B DG 4  ? B DG 16 ? 1_555 77.3  ? 
16 O6 ? A DG 3  ? A DG 3  ? 1_555 K ? D K . ? A K 102 ? 1_555 O6 ? B DG 9  ? B DG 21 ? 1_555 74.0  ? 
17 O6 ? A DG 4  ? A DG 4  ? 1_555 K ? D K . ? A K 102 ? 1_555 O6 ? B DG 9  ? B DG 21 ? 1_555 133.6 ? 
18 O6 ? A DG 9  ? A DG 9  ? 1_555 K ? D K . ? A K 102 ? 1_555 O6 ? B DG 9  ? B DG 21 ? 1_555 115.7 ? 
19 O6 ? A DG 10 ? A DG 10 ? 1_555 K ? D K . ? A K 102 ? 1_555 O6 ? B DG 9  ? B DG 21 ? 1_555 152.4 ? 
20 O6 ? B DG 3  ? B DG 15 ? 1_555 K ? D K . ? A K 102 ? 1_555 O6 ? B DG 9  ? B DG 21 ? 1_555 76.3  ? 
21 O6 ? B DG 4  ? B DG 16 ? 1_555 K ? D K . ? A K 102 ? 1_555 O6 ? B DG 9  ? B DG 21 ? 1_555 89.3  ? 
22 O6 ? A DG 3  ? A DG 3  ? 1_555 K ? D K . ? A K 102 ? 1_555 O6 ? B DG 10 ? B DG 22 ? 1_555 85.2  ? 
23 O6 ? A DG 4  ? A DG 4  ? 1_555 K ? D K . ? A K 102 ? 1_555 O6 ? B DG 10 ? B DG 22 ? 1_555 66.9  ? 
24 O6 ? A DG 9  ? A DG 9  ? 1_555 K ? D K . ? A K 102 ? 1_555 O6 ? B DG 10 ? B DG 22 ? 1_555 151.0 ? 
25 O6 ? A DG 10 ? A DG 10 ? 1_555 K ? D K . ? A K 102 ? 1_555 O6 ? B DG 10 ? B DG 22 ? 1_555 104.0 ? 
26 O6 ? B DG 3  ? B DG 15 ? 1_555 K ? D K . ? A K 102 ? 1_555 O6 ? B DG 10 ? B DG 22 ? 1_555 135.7 ? 
27 O6 ? B DG 4  ? B DG 16 ? 1_555 K ? D K . ? A K 102 ? 1_555 O6 ? B DG 10 ? B DG 22 ? 1_555 67.7  ? 
28 O6 ? B DG 9  ? B DG 21 ? 1_555 K ? D K . ? A K 102 ? 1_555 O6 ? B DG 10 ? B DG 22 ? 1_555 77.0  ? 
29 O6 ? A DG 4  ? A DG 4  ? 1_555 K ? C K . ? A K 101 ? 1_555 O6 ? A DG 5  ? A DG 5  ? 1_555 73.7  ? 
30 O6 ? A DG 4  ? A DG 4  ? 1_555 K ? C K . ? A K 101 ? 1_555 O6 ? A DG 10 ? A DG 10 ? 1_555 67.0  ? 
31 O6 ? A DG 5  ? A DG 5  ? 1_555 K ? C K . ? A K 101 ? 1_555 O6 ? A DG 10 ? A DG 10 ? 1_555 91.1  ? 
32 O6 ? A DG 4  ? A DG 4  ? 1_555 K ? C K . ? A K 101 ? 1_555 O6 ? A DG 11 ? A DG 11 ? 1_555 127.4 ? 
33 O6 ? A DG 5  ? A DG 5  ? 1_555 K ? C K . ? A K 101 ? 1_555 O6 ? A DG 11 ? A DG 11 ? 1_555 71.3  ? 
34 O6 ? A DG 10 ? A DG 10 ? 1_555 K ? C K . ? A K 101 ? 1_555 O6 ? A DG 11 ? A DG 11 ? 1_555 75.7  ? 
35 O6 ? A DG 4  ? A DG 4  ? 1_555 K ? C K . ? A K 101 ? 1_555 O6 ? B DG 4  ? B DG 16 ? 1_555 102.5 ? 
36 O6 ? A DG 5  ? A DG 5  ? 1_555 K ? C K . ? A K 101 ? 1_555 O6 ? B DG 4  ? B DG 16 ? 1_555 156.9 ? 
37 O6 ? A DG 10 ? A DG 10 ? 1_555 K ? C K . ? A K 101 ? 1_555 O6 ? B DG 4  ? B DG 16 ? 1_555 67.0  ? 
38 O6 ? A DG 11 ? A DG 11 ? 1_555 K ? C K . ? A K 101 ? 1_555 O6 ? B DG 4  ? B DG 16 ? 1_555 95.2  ? 
39 O6 ? A DG 4  ? A DG 4  ? 1_555 K ? C K . ? A K 101 ? 1_555 O6 ? B DG 5  ? B DG 17 ? 1_555 157.9 ? 
40 O6 ? A DG 5  ? A DG 5  ? 1_555 K ? C K . ? A K 101 ? 1_555 O6 ? B DG 5  ? B DG 17 ? 1_555 118.4 ? 
41 O6 ? A DG 10 ? A DG 10 ? 1_555 K ? C K . ? A K 101 ? 1_555 O6 ? B DG 5  ? B DG 17 ? 1_555 127.3 ? 
42 O6 ? A DG 11 ? A DG 11 ? 1_555 K ? C K . ? A K 101 ? 1_555 O6 ? B DG 5  ? B DG 17 ? 1_555 74.6  ? 
43 O6 ? B DG 4  ? B DG 16 ? 1_555 K ? C K . ? A K 101 ? 1_555 O6 ? B DG 5  ? B DG 17 ? 1_555 73.5  ? 
44 O6 ? A DG 4  ? A DG 4  ? 1_555 K ? C K . ? A K 101 ? 1_555 O6 ? B DG 10 ? B DG 22 ? 1_555 65.5  ? 
45 O6 ? A DG 5  ? A DG 5  ? 1_555 K ? C K . ? A K 101 ? 1_555 O6 ? B DG 10 ? B DG 22 ? 1_555 127.3 ? 
46 O6 ? A DG 10 ? A DG 10 ? 1_555 K ? C K . ? A K 101 ? 1_555 O6 ? B DG 10 ? B DG 22 ? 1_555 101.7 ? 
47 O6 ? A DG 11 ? A DG 11 ? 1_555 K ? C K . ? A K 101 ? 1_555 O6 ? B DG 10 ? B DG 22 ? 1_555 161.5 ? 
48 O6 ? B DG 4  ? B DG 16 ? 1_555 K ? C K . ? A K 101 ? 1_555 O6 ? B DG 10 ? B DG 22 ? 1_555 67.4  ? 
49 O6 ? B DG 5  ? B DG 17 ? 1_555 K ? C K . ? A K 101 ? 1_555 O6 ? B DG 10 ? B DG 22 ? 1_555 93.6  ? 
50 O6 ? A DG 4  ? A DG 4  ? 1_555 K ? C K . ? A K 101 ? 1_555 O6 ? B DG 11 ? B DG 23 ? 1_555 92.0  ? 
51 O6 ? A DG 5  ? A DG 5  ? 1_555 K ? C K . ? A K 101 ? 1_555 O6 ? B DG 11 ? B DG 23 ? 1_555 77.3  ? 
52 O6 ? A DG 10 ? A DG 10 ? 1_555 K ? C K . ? A K 101 ? 1_555 O6 ? B DG 11 ? B DG 23 ? 1_555 158.3 ? 
53 O6 ? A DG 11 ? A DG 11 ? 1_555 K ? C K . ? A K 101 ? 1_555 O6 ? B DG 11 ? B DG 23 ? 1_555 116.5 ? 
54 O6 ? B DG 4  ? B DG 16 ? 1_555 K ? C K . ? A K 101 ? 1_555 O6 ? B DG 11 ? B DG 23 ? 1_555 125.8 ? 
55 O6 ? B DG 5  ? B DG 17 ? 1_555 K ? C K . ? A K 101 ? 1_555 O6 ? B DG 11 ? B DG 23 ? 1_555 74.3  ? 
56 O6 ? B DG 10 ? B DG 22 ? 1_555 K ? C K . ? A K 101 ? 1_555 O6 ? B DG 11 ? B DG 23 ? 1_555 72.4  ? 
# 
loop_
_pdbx_audit_revision_history.ordinal 
_pdbx_audit_revision_history.data_content_type 
_pdbx_audit_revision_history.major_revision 
_pdbx_audit_revision_history.minor_revision 
_pdbx_audit_revision_history.revision_date 
1 'Structure model' 1 0 2015-03-18 
2 'Structure model' 1 1 2017-09-27 
3 'Structure model' 1 2 2023-09-27 
# 
_pdbx_audit_revision_details.ordinal             1 
_pdbx_audit_revision_details.revision_ordinal    1 
_pdbx_audit_revision_details.data_content_type   'Structure model' 
_pdbx_audit_revision_details.provider            repository 
_pdbx_audit_revision_details.type                'Initial release' 
_pdbx_audit_revision_details.description         ? 
_pdbx_audit_revision_details.details             ? 
# 
loop_
_pdbx_audit_revision_group.ordinal 
_pdbx_audit_revision_group.revision_ordinal 
_pdbx_audit_revision_group.data_content_type 
_pdbx_audit_revision_group.group 
1 2 'Structure model' 'Database references'    
2 2 'Structure model' 'Derived calculations'   
3 2 'Structure model' Other                    
4 2 'Structure model' 'Refinement description' 
5 2 'Structure model' 'Source and taxonomy'    
6 3 'Structure model' 'Data collection'        
7 3 'Structure model' 'Database references'    
8 3 'Structure model' 'Derived calculations'   
9 3 'Structure model' 'Refinement description' 
# 
loop_
_pdbx_audit_revision_category.ordinal 
_pdbx_audit_revision_category.revision_ordinal 
_pdbx_audit_revision_category.data_content_type 
_pdbx_audit_revision_category.category 
1  2 'Structure model' citation                      
2  2 'Structure model' pdbx_database_status          
3  2 'Structure model' pdbx_entity_src_syn           
4  2 'Structure model' pdbx_struct_assembly          
5  2 'Structure model' pdbx_struct_conn_angle        
6  2 'Structure model' pdbx_struct_oper_list         
7  2 'Structure model' software                      
8  3 'Structure model' chem_comp_atom                
9  3 'Structure model' chem_comp_bond                
10 3 'Structure model' database_2                    
11 3 'Structure model' diffrn_radiation_wavelength   
12 3 'Structure model' pdbx_initial_refinement_model 
13 3 'Structure model' refine_hist                   
14 3 'Structure model' struct_conn                   
# 
loop_
_pdbx_audit_revision_item.ordinal 
_pdbx_audit_revision_item.revision_ordinal 
_pdbx_audit_revision_item.data_content_type 
_pdbx_audit_revision_item.item 
1  2 'Structure model' '_citation.journal_id_CSD'                    
2  2 'Structure model' '_pdbx_database_status.pdb_format_compatible' 
3  2 'Structure model' '_pdbx_entity_src_syn.pdbx_alt_source_flag'   
4  2 'Structure model' '_pdbx_struct_assembly.oligomeric_details'    
5  2 'Structure model' '_pdbx_struct_oper_list.symmetry_operation'   
6  3 'Structure model' '_database_2.pdbx_DOI'                        
7  3 'Structure model' '_database_2.pdbx_database_accession'         
8  3 'Structure model' '_refine_hist.pdbx_number_atoms_nucleic_acid' 
9  3 'Structure model' '_refine_hist.pdbx_number_atoms_protein'      
10 3 'Structure model' '_struct_conn.pdbx_dist_value'                
11 3 'Structure model' '_struct_conn.ptnr1_auth_asym_id'             
12 3 'Structure model' '_struct_conn.ptnr1_auth_comp_id'             
13 3 'Structure model' '_struct_conn.ptnr1_auth_seq_id'              
14 3 'Structure model' '_struct_conn.ptnr1_label_asym_id'            
15 3 'Structure model' '_struct_conn.ptnr1_label_atom_id'            
16 3 'Structure model' '_struct_conn.ptnr1_label_comp_id'            
17 3 'Structure model' '_struct_conn.ptnr1_label_seq_id'             
18 3 'Structure model' '_struct_conn.ptnr2_auth_asym_id'             
19 3 'Structure model' '_struct_conn.ptnr2_auth_comp_id'             
20 3 'Structure model' '_struct_conn.ptnr2_auth_seq_id'              
21 3 'Structure model' '_struct_conn.ptnr2_label_asym_id'            
22 3 'Structure model' '_struct_conn.ptnr2_label_atom_id'            
23 3 'Structure model' '_struct_conn.ptnr2_label_comp_id'            
24 3 'Structure model' '_struct_conn.ptnr2_label_seq_id'             
# 
_phasing.method   MR 
# 
loop_
_software.citation_id 
_software.classification 
_software.compiler_name 
_software.compiler_version 
_software.contact_author 
_software.contact_author_email 
_software.date 
_software.description 
_software.dependencies 
_software.hardware 
_software.language 
_software.location 
_software.mods 
_software.name 
_software.os 
_software.os_version 
_software.type 
_software.version 
_software.pdbx_ordinal 
? 'data reduction'  . . . . . . . . . . . XDS         . . . .        1 
? 'data scaling'    . . . . . . . . . . . XSCALE      . . . 2.1.4    2 
? 'data extraction' . . . . . . . . . . . PDB_EXTRACT . . . 3.14     3 
? phasing           . . . . . . . . . . . PHASER      . . . .        4 
? refinement        . . . . . . . . . . . REFMAC      . . . 5.8.0049 5 
# 
loop_
_pdbx_validate_rmsd_bond.id 
_pdbx_validate_rmsd_bond.PDB_model_num 
_pdbx_validate_rmsd_bond.auth_atom_id_1 
_pdbx_validate_rmsd_bond.auth_asym_id_1 
_pdbx_validate_rmsd_bond.auth_comp_id_1 
_pdbx_validate_rmsd_bond.auth_seq_id_1 
_pdbx_validate_rmsd_bond.PDB_ins_code_1 
_pdbx_validate_rmsd_bond.label_alt_id_1 
_pdbx_validate_rmsd_bond.auth_atom_id_2 
_pdbx_validate_rmsd_bond.auth_asym_id_2 
_pdbx_validate_rmsd_bond.auth_comp_id_2 
_pdbx_validate_rmsd_bond.auth_seq_id_2 
_pdbx_validate_rmsd_bond.PDB_ins_code_2 
_pdbx_validate_rmsd_bond.label_alt_id_2 
_pdbx_validate_rmsd_bond.bond_value 
_pdbx_validate_rmsd_bond.bond_target_value 
_pdbx_validate_rmsd_bond.bond_deviation 
_pdbx_validate_rmsd_bond.bond_standard_deviation 
_pdbx_validate_rmsd_bond.linker_flag 
1  1 C2 A DT 1  ? ? O2 A DT 1  ? ? 1.274 1.220 0.054  0.008 N 
2  1 N1 A DT 6  ? ? C2 A DT 6  ? ? 1.428 1.376 0.052  0.008 N 
3  1 N3 A DT 6  ? ? C4 A DT 6  ? ? 1.329 1.382 -0.053 0.008 N 
4  1 C5 A DT 6  ? ? C6 A DT 6  ? ? 1.384 1.339 0.045  0.007 N 
5  1 C5 A DT 7  ? ? C6 A DT 7  ? ? 1.386 1.339 0.047  0.007 N 
6  1 N3 A DT 12 ? ? C4 A DT 12 ? ? 1.327 1.382 -0.055 0.008 N 
7  1 C5 A DT 12 ? ? C6 A DT 12 ? ? 1.404 1.339 0.065  0.007 N 
8  1 C2 B DT 13 ? ? N3 B DT 13 ? ? 1.303 1.373 -0.070 0.008 N 
9  1 C5 B DT 18 ? ? C6 B DT 18 ? ? 1.395 1.339 0.056  0.007 N 
10 1 N3 B DT 19 ? ? C4 B DT 19 ? ? 1.332 1.382 -0.050 0.008 N 
11 1 C5 B DT 24 ? ? C6 B DT 24 ? ? 1.390 1.339 0.051  0.007 N 
# 
loop_
_pdbx_validate_rmsd_angle.id 
_pdbx_validate_rmsd_angle.PDB_model_num 
_pdbx_validate_rmsd_angle.auth_atom_id_1 
_pdbx_validate_rmsd_angle.auth_asym_id_1 
_pdbx_validate_rmsd_angle.auth_comp_id_1 
_pdbx_validate_rmsd_angle.auth_seq_id_1 
_pdbx_validate_rmsd_angle.PDB_ins_code_1 
_pdbx_validate_rmsd_angle.label_alt_id_1 
_pdbx_validate_rmsd_angle.auth_atom_id_2 
_pdbx_validate_rmsd_angle.auth_asym_id_2 
_pdbx_validate_rmsd_angle.auth_comp_id_2 
_pdbx_validate_rmsd_angle.auth_seq_id_2 
_pdbx_validate_rmsd_angle.PDB_ins_code_2 
_pdbx_validate_rmsd_angle.label_alt_id_2 
_pdbx_validate_rmsd_angle.auth_atom_id_3 
_pdbx_validate_rmsd_angle.auth_asym_id_3 
_pdbx_validate_rmsd_angle.auth_comp_id_3 
_pdbx_validate_rmsd_angle.auth_seq_id_3 
_pdbx_validate_rmsd_angle.PDB_ins_code_3 
_pdbx_validate_rmsd_angle.label_alt_id_3 
_pdbx_validate_rmsd_angle.angle_value 
_pdbx_validate_rmsd_angle.angle_target_value 
_pdbx_validate_rmsd_angle.angle_deviation 
_pdbx_validate_rmsd_angle.angle_standard_deviation 
_pdbx_validate_rmsd_angle.linker_flag 
1  1 "O4'" A DT 1  ? ? "C1'" A DT 1  ? ? N1    A DT 1  ? ? 97.56  108.00 -10.44 0.70 N 
2  1 N1    A DT 1  ? ? C2    A DT 1  ? ? N3    A DT 1  ? ? 120.48 114.60 5.88   0.60 N 
3  1 C2    A DT 1  ? ? N3    A DT 1  ? ? C4    A DT 1  ? ? 123.00 127.20 -4.20  0.60 N 
4  1 C5    A DT 1  ? ? C4    A DT 1  ? ? O4    A DT 1  ? ? 120.40 124.90 -4.50  0.70 N 
5  1 "O5'" A DT 6  ? ? "C5'" A DT 6  ? ? "C4'" A DT 6  ? ? 103.17 109.40 -6.23  0.80 N 
6  1 "O4'" A DT 6  ? ? "C1'" A DT 6  ? ? N1    A DT 6  ? ? 110.62 108.30 2.32   0.30 N 
7  1 N1    A DT 6  ? ? C2    A DT 6  ? ? N3    A DT 6  ? ? 121.31 114.60 6.71   0.60 N 
8  1 C2    A DT 6  ? ? N3    A DT 6  ? ? C4    A DT 6  ? ? 120.09 127.20 -7.11  0.60 N 
9  1 N3    A DT 6  ? ? C4    A DT 6  ? ? C5    A DT 6  ? ? 119.37 115.20 4.17   0.60 N 
10 1 C5    A DT 6  ? ? C6    A DT 6  ? ? N1    A DT 6  ? ? 116.91 123.70 -6.79  0.60 N 
11 1 N3    A DT 6  ? ? C2    A DT 6  ? ? O2    A DT 6  ? ? 117.28 122.30 -5.02  0.60 N 
12 1 N1    A DT 7  ? ? C2    A DT 7  ? ? N3    A DT 7  ? ? 122.84 114.60 8.24   0.60 N 
13 1 C2    A DT 7  ? ? N3    A DT 7  ? ? C4    A DT 7  ? ? 119.72 127.20 -7.48  0.60 N 
14 1 N3    A DT 7  ? ? C4    A DT 7  ? ? C5    A DT 7  ? ? 118.84 115.20 3.64   0.60 N 
15 1 N1    A DT 7  ? ? C2    A DT 7  ? ? O2    A DT 7  ? ? 116.29 123.10 -6.81  0.80 N 
16 1 "O4'" A DT 12 ? ? "C1'" A DT 12 ? ? N1    A DT 12 ? ? 114.68 108.30 6.38   0.30 N 
17 1 N1    A DT 12 ? ? C2    A DT 12 ? ? N3    A DT 12 ? ? 121.46 114.60 6.86   0.60 N 
18 1 C2    A DT 12 ? ? N3    A DT 12 ? ? C4    A DT 12 ? ? 119.04 127.20 -8.16  0.60 N 
19 1 N3    A DT 12 ? ? C4    A DT 12 ? ? C5    A DT 12 ? ? 122.03 115.20 6.83   0.60 N 
20 1 C5    A DT 12 ? ? C6    A DT 12 ? ? N1    A DT 12 ? ? 118.38 123.70 -5.32  0.60 N 
21 1 C5    A DT 12 ? ? C4    A DT 12 ? ? O4    A DT 12 ? ? 119.04 124.90 -5.86  0.70 N 
22 1 "O4'" B DT 13 ? ? "C1'" B DT 13 ? ? N1    B DT 13 ? ? 97.53  108.00 -10.47 0.70 N 
23 1 C6    B DT 13 ? ? N1    B DT 13 ? ? C2    B DT 13 ? ? 118.07 121.30 -3.23  0.50 N 
24 1 N1    B DT 13 ? ? C2    B DT 13 ? ? N3    B DT 13 ? ? 123.50 114.60 8.90   0.60 N 
25 1 C2    B DT 13 ? ? N3    B DT 13 ? ? C4    B DT 13 ? ? 121.86 127.20 -5.34  0.60 N 
26 1 C5    B DT 13 ? ? C6    B DT 13 ? ? N1    B DT 13 ? ? 119.81 123.70 -3.89  0.60 N 
27 1 N3    B DT 13 ? ? C2    B DT 13 ? ? O2    B DT 13 ? ? 117.66 122.30 -4.64  0.60 N 
28 1 N1    B DT 18 ? ? C2    B DT 18 ? ? N3    B DT 18 ? ? 121.34 114.60 6.74   0.60 N 
29 1 C2    B DT 18 ? ? N3    B DT 18 ? ? C4    B DT 18 ? ? 120.25 127.20 -6.95  0.60 N 
30 1 N3    B DT 18 ? ? C4    B DT 18 ? ? C5    B DT 18 ? ? 119.36 115.20 4.16   0.60 N 
31 1 C5    B DT 18 ? ? C6    B DT 18 ? ? N1    B DT 18 ? ? 119.81 123.70 -3.89  0.60 N 
32 1 N1    B DT 18 ? ? C2    B DT 18 ? ? O2    B DT 18 ? ? 117.86 123.10 -5.24  0.80 N 
33 1 C5    B DT 18 ? ? C4    B DT 18 ? ? O4    B DT 18 ? ? 118.00 124.90 -6.90  0.70 N 
34 1 "O4'" B DT 19 ? ? "C1'" B DT 19 ? ? N1    B DT 19 ? ? 111.18 108.30 2.88   0.30 N 
35 1 N1    B DT 19 ? ? C2    B DT 19 ? ? N3    B DT 19 ? ? 121.29 114.60 6.69   0.60 N 
36 1 C2    B DT 19 ? ? N3    B DT 19 ? ? C4    B DT 19 ? ? 119.58 127.20 -7.62  0.60 N 
37 1 N3    B DT 19 ? ? C4    B DT 19 ? ? C5    B DT 19 ? ? 120.83 115.20 5.63   0.60 N 
38 1 C5    B DT 19 ? ? C6    B DT 19 ? ? N1    B DT 19 ? ? 119.64 123.70 -4.06  0.60 N 
39 1 C5    B DT 19 ? ? C4    B DT 19 ? ? O4    B DT 19 ? ? 117.94 124.90 -6.96  0.70 N 
40 1 "O4'" B DT 24 ? ? "C1'" B DT 24 ? ? N1    B DT 24 ? ? 103.15 108.00 -4.85  0.70 N 
41 1 N1    B DT 24 ? ? C2    B DT 24 ? ? N3    B DT 24 ? ? 121.48 114.60 6.88   0.60 N 
42 1 C2    B DT 24 ? ? N3    B DT 24 ? ? C4    B DT 24 ? ? 121.93 127.20 -5.27  0.60 N 
43 1 N1    B DT 24 ? ? C2    B DT 24 ? ? O2    B DT 24 ? ? 116.93 123.10 -6.17  0.80 N 
# 
loop_
_chem_comp_atom.comp_id 
_chem_comp_atom.atom_id 
_chem_comp_atom.type_symbol 
_chem_comp_atom.pdbx_aromatic_flag 
_chem_comp_atom.pdbx_stereo_config 
_chem_comp_atom.pdbx_ordinal 
DA  OP3    O N N 1   
DA  P      P N N 2   
DA  OP1    O N N 3   
DA  OP2    O N N 4   
DA  "O5'"  O N N 5   
DA  "C5'"  C N N 6   
DA  "C4'"  C N R 7   
DA  "O4'"  O N N 8   
DA  "C3'"  C N S 9   
DA  "O3'"  O N N 10  
DA  "C2'"  C N N 11  
DA  "C1'"  C N R 12  
DA  N9     N Y N 13  
DA  C8     C Y N 14  
DA  N7     N Y N 15  
DA  C5     C Y N 16  
DA  C6     C Y N 17  
DA  N6     N N N 18  
DA  N1     N Y N 19  
DA  C2     C Y N 20  
DA  N3     N Y N 21  
DA  C4     C Y N 22  
DA  HOP3   H N N 23  
DA  HOP2   H N N 24  
DA  "H5'"  H N N 25  
DA  "H5''" H N N 26  
DA  "H4'"  H N N 27  
DA  "H3'"  H N N 28  
DA  "HO3'" H N N 29  
DA  "H2'"  H N N 30  
DA  "H2''" H N N 31  
DA  "H1'"  H N N 32  
DA  H8     H N N 33  
DA  H61    H N N 34  
DA  H62    H N N 35  
DA  H2     H N N 36  
DG  OP3    O N N 37  
DG  P      P N N 38  
DG  OP1    O N N 39  
DG  OP2    O N N 40  
DG  "O5'"  O N N 41  
DG  "C5'"  C N N 42  
DG  "C4'"  C N R 43  
DG  "O4'"  O N N 44  
DG  "C3'"  C N S 45  
DG  "O3'"  O N N 46  
DG  "C2'"  C N N 47  
DG  "C1'"  C N R 48  
DG  N9     N Y N 49  
DG  C8     C Y N 50  
DG  N7     N Y N 51  
DG  C5     C Y N 52  
DG  C6     C N N 53  
DG  O6     O N N 54  
DG  N1     N N N 55  
DG  C2     C N N 56  
DG  N2     N N N 57  
DG  N3     N N N 58  
DG  C4     C Y N 59  
DG  HOP3   H N N 60  
DG  HOP2   H N N 61  
DG  "H5'"  H N N 62  
DG  "H5''" H N N 63  
DG  "H4'"  H N N 64  
DG  "H3'"  H N N 65  
DG  "HO3'" H N N 66  
DG  "H2'"  H N N 67  
DG  "H2''" H N N 68  
DG  "H1'"  H N N 69  
DG  H8     H N N 70  
DG  H1     H N N 71  
DG  H21    H N N 72  
DG  H22    H N N 73  
DT  OP3    O N N 74  
DT  P      P N N 75  
DT  OP1    O N N 76  
DT  OP2    O N N 77  
DT  "O5'"  O N N 78  
DT  "C5'"  C N N 79  
DT  "C4'"  C N R 80  
DT  "O4'"  O N N 81  
DT  "C3'"  C N S 82  
DT  "O3'"  O N N 83  
DT  "C2'"  C N N 84  
DT  "C1'"  C N R 85  
DT  N1     N N N 86  
DT  C2     C N N 87  
DT  O2     O N N 88  
DT  N3     N N N 89  
DT  C4     C N N 90  
DT  O4     O N N 91  
DT  C5     C N N 92  
DT  C7     C N N 93  
DT  C6     C N N 94  
DT  HOP3   H N N 95  
DT  HOP2   H N N 96  
DT  "H5'"  H N N 97  
DT  "H5''" H N N 98  
DT  "H4'"  H N N 99  
DT  "H3'"  H N N 100 
DT  "HO3'" H N N 101 
DT  "H2'"  H N N 102 
DT  "H2''" H N N 103 
DT  "H1'"  H N N 104 
DT  H3     H N N 105 
DT  H71    H N N 106 
DT  H72    H N N 107 
DT  H73    H N N 108 
DT  H6     H N N 109 
HOH O      O N N 110 
HOH H1     H N N 111 
HOH H2     H N N 112 
K   K      K N N 113 
KPT C36    C N N 114 
KPT O4     O N N 115 
KPT O3     O N N 116 
KPT C18    C Y N 117 
KPT C13    C Y N 118 
KPT C14    C Y N 119 
KPT C17    C Y N 120 
KPT C16    C Y N 121 
KPT C15    C Y N 122 
KPT C12    C Y N 123 
KPT C11    C Y N 124 
KPT C10    C Y N 125 
KPT N      N Y N 126 
KPT C9     C N N 127 
KPT C8     C N N 128 
KPT C6     C Y N 129 
KPT C5     C Y N 130 
KPT C4     C Y N 131 
KPT C7     C Y N 132 
KPT C3     C Y N 133 
KPT C2     C Y N 134 
KPT O2     O N N 135 
KPT O1     O N N 136 
KPT C1     C N N 137 
KPT H1     H N N 138 
KPT H21    H N N 139 
KPT H2     H N N 140 
KPT H3     H N N 141 
KPT H4     H N N 142 
KPT H5     H N N 143 
KPT H6     H N N 144 
KPT H7     H N N 145 
KPT H8     H N N 146 
KPT H9     H N N 147 
KPT H10    H N N 148 
KPT H11    H N N 149 
KPT H12    H N N 150 
KPT H14    H N N 151 
# 
loop_
_chem_comp_bond.comp_id 
_chem_comp_bond.atom_id_1 
_chem_comp_bond.atom_id_2 
_chem_comp_bond.value_order 
_chem_comp_bond.pdbx_aromatic_flag 
_chem_comp_bond.pdbx_stereo_config 
_chem_comp_bond.pdbx_ordinal 
DA  OP3   P      sing N N 1   
DA  OP3   HOP3   sing N N 2   
DA  P     OP1    doub N N 3   
DA  P     OP2    sing N N 4   
DA  P     "O5'"  sing N N 5   
DA  OP2   HOP2   sing N N 6   
DA  "O5'" "C5'"  sing N N 7   
DA  "C5'" "C4'"  sing N N 8   
DA  "C5'" "H5'"  sing N N 9   
DA  "C5'" "H5''" sing N N 10  
DA  "C4'" "O4'"  sing N N 11  
DA  "C4'" "C3'"  sing N N 12  
DA  "C4'" "H4'"  sing N N 13  
DA  "O4'" "C1'"  sing N N 14  
DA  "C3'" "O3'"  sing N N 15  
DA  "C3'" "C2'"  sing N N 16  
DA  "C3'" "H3'"  sing N N 17  
DA  "O3'" "HO3'" sing N N 18  
DA  "C2'" "C1'"  sing N N 19  
DA  "C2'" "H2'"  sing N N 20  
DA  "C2'" "H2''" sing N N 21  
DA  "C1'" N9     sing N N 22  
DA  "C1'" "H1'"  sing N N 23  
DA  N9    C8     sing Y N 24  
DA  N9    C4     sing Y N 25  
DA  C8    N7     doub Y N 26  
DA  C8    H8     sing N N 27  
DA  N7    C5     sing Y N 28  
DA  C5    C6     sing Y N 29  
DA  C5    C4     doub Y N 30  
DA  C6    N6     sing N N 31  
DA  C6    N1     doub Y N 32  
DA  N6    H61    sing N N 33  
DA  N6    H62    sing N N 34  
DA  N1    C2     sing Y N 35  
DA  C2    N3     doub Y N 36  
DA  C2    H2     sing N N 37  
DA  N3    C4     sing Y N 38  
DG  OP3   P      sing N N 39  
DG  OP3   HOP3   sing N N 40  
DG  P     OP1    doub N N 41  
DG  P     OP2    sing N N 42  
DG  P     "O5'"  sing N N 43  
DG  OP2   HOP2   sing N N 44  
DG  "O5'" "C5'"  sing N N 45  
DG  "C5'" "C4'"  sing N N 46  
DG  "C5'" "H5'"  sing N N 47  
DG  "C5'" "H5''" sing N N 48  
DG  "C4'" "O4'"  sing N N 49  
DG  "C4'" "C3'"  sing N N 50  
DG  "C4'" "H4'"  sing N N 51  
DG  "O4'" "C1'"  sing N N 52  
DG  "C3'" "O3'"  sing N N 53  
DG  "C3'" "C2'"  sing N N 54  
DG  "C3'" "H3'"  sing N N 55  
DG  "O3'" "HO3'" sing N N 56  
DG  "C2'" "C1'"  sing N N 57  
DG  "C2'" "H2'"  sing N N 58  
DG  "C2'" "H2''" sing N N 59  
DG  "C1'" N9     sing N N 60  
DG  "C1'" "H1'"  sing N N 61  
DG  N9    C8     sing Y N 62  
DG  N9    C4     sing Y N 63  
DG  C8    N7     doub Y N 64  
DG  C8    H8     sing N N 65  
DG  N7    C5     sing Y N 66  
DG  C5    C6     sing N N 67  
DG  C5    C4     doub Y N 68  
DG  C6    O6     doub N N 69  
DG  C6    N1     sing N N 70  
DG  N1    C2     sing N N 71  
DG  N1    H1     sing N N 72  
DG  C2    N2     sing N N 73  
DG  C2    N3     doub N N 74  
DG  N2    H21    sing N N 75  
DG  N2    H22    sing N N 76  
DG  N3    C4     sing N N 77  
DT  OP3   P      sing N N 78  
DT  OP3   HOP3   sing N N 79  
DT  P     OP1    doub N N 80  
DT  P     OP2    sing N N 81  
DT  P     "O5'"  sing N N 82  
DT  OP2   HOP2   sing N N 83  
DT  "O5'" "C5'"  sing N N 84  
DT  "C5'" "C4'"  sing N N 85  
DT  "C5'" "H5'"  sing N N 86  
DT  "C5'" "H5''" sing N N 87  
DT  "C4'" "O4'"  sing N N 88  
DT  "C4'" "C3'"  sing N N 89  
DT  "C4'" "H4'"  sing N N 90  
DT  "O4'" "C1'"  sing N N 91  
DT  "C3'" "O3'"  sing N N 92  
DT  "C3'" "C2'"  sing N N 93  
DT  "C3'" "H3'"  sing N N 94  
DT  "O3'" "HO3'" sing N N 95  
DT  "C2'" "C1'"  sing N N 96  
DT  "C2'" "H2'"  sing N N 97  
DT  "C2'" "H2''" sing N N 98  
DT  "C1'" N1     sing N N 99  
DT  "C1'" "H1'"  sing N N 100 
DT  N1    C2     sing N N 101 
DT  N1    C6     sing N N 102 
DT  C2    O2     doub N N 103 
DT  C2    N3     sing N N 104 
DT  N3    C4     sing N N 105 
DT  N3    H3     sing N N 106 
DT  C4    O4     doub N N 107 
DT  C4    C5     sing N N 108 
DT  C5    C7     sing N N 109 
DT  C5    C6     doub N N 110 
DT  C7    H71    sing N N 111 
DT  C7    H72    sing N N 112 
DT  C7    H73    sing N N 113 
DT  C6    H6     sing N N 114 
HOH O     H1     sing N N 115 
HOH O     H2     sing N N 116 
KPT O4    C36    sing N N 117 
KPT O3    C36    sing N N 118 
KPT C18   O3     sing N N 119 
KPT C13   C14    sing Y N 120 
KPT C13   C18    sing Y N 121 
KPT C17   C18    doub Y N 122 
KPT C17   O4     sing N N 123 
KPT C16   C17    sing Y N 124 
KPT C15   C12    sing Y N 125 
KPT C15   C16    doub Y N 126 
KPT C12   C13    doub Y N 127 
KPT C11   C10    doub Y N 128 
KPT C11   C12    sing Y N 129 
KPT C10   N      sing Y N 130 
KPT N     C9     sing N N 131 
KPT N     C14    doub Y N 132 
KPT C8    C9     sing N N 133 
KPT C6    C5     sing Y N 134 
KPT C6    C10    sing N N 135 
KPT C5    C8     sing N N 136 
KPT C4    C5     doub Y N 137 
KPT C7    C6     doub Y N 138 
KPT C3    C2     doub Y N 139 
KPT C3    C7     sing Y N 140 
KPT C2    C4     sing Y N 141 
KPT O2    C2     sing N N 142 
KPT O1    C3     sing N N 143 
KPT C1    O1     sing N N 144 
KPT C1    O2     sing N N 145 
KPT C36   H1     sing N N 146 
KPT C36   H21    sing N N 147 
KPT C14   H2     sing N N 148 
KPT C16   H3     sing N N 149 
KPT C15   H4     sing N N 150 
KPT C11   H5     sing N N 151 
KPT C9    H6     sing N N 152 
KPT C9    H7     sing N N 153 
KPT C8    H8     sing N N 154 
KPT C8    H9     sing N N 155 
KPT C4    H10    sing N N 156 
KPT C7    H11    sing N N 157 
KPT C1    H12    sing N N 158 
KPT C1    H14    sing N N 159 
# 
loop_
_ndb_struct_conf_na.entry_id 
_ndb_struct_conf_na.feature 
4P1D 'parallel strands'     
4P1D 'mismatched base pair' 
# 
loop_
_pdbx_entity_nonpoly.entity_id 
_pdbx_entity_nonpoly.name 
_pdbx_entity_nonpoly.comp_id 
2 'POTASSIUM ION'                                                                   K   
3 '6,7-dihydro[1,3]dioxolo[4,5-g][1,3]dioxolo[7,8]isoquino[3,2-a]isoquinolin-5-ium' KPT 
4 water                                                                             HOH 
# 
_pdbx_initial_refinement_model.id               1 
_pdbx_initial_refinement_model.entity_id_list   ? 
_pdbx_initial_refinement_model.type             'experimental model' 
_pdbx_initial_refinement_model.source_name      PDB 
_pdbx_initial_refinement_model.accession_code   1K8P 
_pdbx_initial_refinement_model.details          ? 
# 
